data_1VLJ
#
_entry.id   1VLJ
#
_cell.length_a   53.691
_cell.length_b   129.699
_cell.length_c   55.234
_cell.angle_alpha   90.00
_cell.angle_beta   103.61
_cell.angle_gamma   90.00
#
_symmetry.space_group_name_H-M   'P 1 21 1'
#
loop_
_entity.id
_entity.type
_entity.pdbx_description
1 polymer 'NADH-dependent butanol dehydrogenase'
2 non-polymer 'FE (III) ION'
3 non-polymer 'NADP NICOTINAMIDE-ADENINE-DINUCLEOTIDE PHOSPHATE'
4 water water
#
_entity_poly.entity_id   1
_entity_poly.type   'polypeptide(L)'
_entity_poly.pdbx_seq_one_letter_code
;MGSDKIHHHHHHMENFVFHNPTKIVFGRGTIPKIGEEIKNAGIRKVLFLYGGGSIKKNGVYDQVVDSLKKHGIEWVEVSG
VKPNPVLSKVHEAVEVAKKEKVEAVLGVGGGSVVDSAKAVAAGALYEGDIWDAFIGKYQIEKALPIFDVLTISATGTEMN
GNAVITNEKTKEKYGVSSKALYPKVSIIDPSVQFTLPKEQTVYGAVDAISHILEYYFDGSSPEISNEIAEGTIRTIMKMT
ERLIEKPDDYEARANLAWSATIALNGTMAVGRRGGEWACHRIEHSLSALYDIAHGAGLAIVFPAWMKYVYRKNPAQFERF
AKKIFGFEGEGEELILKGIEAFKNWLKKVGAPVSLKDAGIPEEDIDKIVDNVMLLVEKNLKPKGASLGRIMVLEREDVRE
ILKLAAK
;
_entity_poly.pdbx_strand_id   A,B
#
loop_
_chem_comp.id
_chem_comp.type
_chem_comp.name
_chem_comp.formula
FE non-polymer 'FE (III) ION' 'Fe 3'
NAP non-polymer 'NADP NICOTINAMIDE-ADENINE-DINUCLEOTIDE PHOSPHATE' 'C21 H28 N7 O17 P3'
#
# COMPACT_ATOMS: atom_id res chain seq x y z
N HIS A 10 13.49 21.01 0.86
CA HIS A 10 12.10 21.08 1.33
C HIS A 10 11.47 19.68 1.36
N HIS A 11 10.20 19.63 1.81
CA HIS A 11 9.51 18.35 1.97
C HIS A 11 8.13 18.38 1.32
N HIS A 12 8.15 18.79 0.04
CA HIS A 12 6.96 18.82 -0.78
C HIS A 12 6.52 17.40 -1.07
N MET A 13 5.22 17.23 -1.02
CA MET A 13 4.65 15.96 -1.37
C MET A 13 4.12 16.14 -2.78
N GLU A 14 4.75 15.47 -3.74
CA GLU A 14 4.42 15.64 -5.17
C GLU A 14 3.05 15.02 -5.47
N ASN A 15 2.32 15.59 -6.43
CA ASN A 15 1.11 14.97 -6.95
C ASN A 15 1.45 13.59 -7.43
N PHE A 16 0.45 12.72 -7.48
CA PHE A 16 0.68 11.33 -7.88
C PHE A 16 -0.62 10.69 -8.30
N VAL A 17 -0.51 9.62 -9.06
CA VAL A 17 -1.59 8.71 -9.30
C VAL A 17 -1.12 7.36 -8.77
N PHE A 18 -1.95 6.70 -7.98
CA PHE A 18 -1.64 5.38 -7.47
C PHE A 18 -2.73 4.45 -7.94
N HIS A 19 -2.30 3.37 -8.58
CA HIS A 19 -3.21 2.32 -8.95
C HIS A 19 -2.48 0.98 -9.05
N ASN A 20 -2.91 0.02 -8.22
CA ASN A 20 -2.29 -1.33 -8.19
C ASN A 20 -3.39 -2.34 -7.94
N PRO A 21 -3.86 -2.93 -9.03
CA PRO A 21 -4.96 -3.86 -8.98
C PRO A 21 -4.61 -5.31 -8.64
N THR A 22 -3.33 -5.63 -8.45
CA THR A 22 -2.92 -7.02 -8.26
C THR A 22 -3.43 -7.54 -6.91
N LYS A 23 -3.95 -8.77 -6.90
CA LYS A 23 -4.33 -9.46 -5.64
C LYS A 23 -3.17 -10.26 -5.12
N ILE A 24 -2.83 -10.09 -3.86
CA ILE A 24 -1.82 -10.92 -3.20
C ILE A 24 -2.48 -11.92 -2.27
N VAL A 25 -2.06 -13.18 -2.38
CA VAL A 25 -2.43 -14.25 -1.47
C VAL A 25 -1.13 -14.66 -0.77
N PHE A 26 -1.03 -14.37 0.52
CA PHE A 26 0.26 -14.50 1.25
C PHE A 26 0.18 -15.46 2.42
N GLY A 27 1.17 -16.33 2.54
CA GLY A 27 1.38 -17.11 3.71
C GLY A 27 1.60 -18.56 3.47
N ARG A 28 1.77 -19.27 4.58
CA ARG A 28 1.96 -20.71 4.60
C ARG A 28 0.75 -21.43 4.12
N GLY A 29 0.96 -22.37 3.22
CA GLY A 29 -0.09 -23.27 2.79
C GLY A 29 -0.97 -22.65 1.71
N THR A 30 -0.50 -21.56 1.09
CA THR A 30 -1.36 -20.84 0.08
C THR A 30 -1.25 -21.27 -1.37
N ILE A 31 -0.19 -21.99 -1.71
CA ILE A 31 0.04 -22.37 -3.09
C ILE A 31 -1.10 -23.22 -3.66
N PRO A 32 -1.72 -24.11 -2.86
CA PRO A 32 -2.91 -24.83 -3.35
C PRO A 32 -4.09 -23.96 -3.83
N LYS A 33 -4.12 -22.68 -3.48
CA LYS A 33 -5.10 -21.73 -4.02
C LYS A 33 -4.86 -21.36 -5.50
N ILE A 34 -3.71 -21.69 -6.08
CA ILE A 34 -3.41 -21.18 -7.42
C ILE A 34 -4.47 -21.62 -8.47
N GLY A 35 -4.87 -22.87 -8.45
CA GLY A 35 -5.86 -23.41 -9.41
C GLY A 35 -7.21 -22.75 -9.19
N GLU A 36 -7.51 -22.40 -7.94
CA GLU A 36 -8.80 -21.82 -7.61
C GLU A 36 -8.88 -20.40 -8.14
N GLU A 37 -7.80 -19.67 -7.96
CA GLU A 37 -7.69 -18.30 -8.47
C GLU A 37 -7.77 -18.29 -10.01
N ILE A 38 -7.13 -19.23 -10.65
CA ILE A 38 -7.17 -19.30 -12.11
C ILE A 38 -8.58 -19.62 -12.54
N LYS A 39 -9.19 -20.59 -11.87
CA LYS A 39 -10.55 -21.00 -12.19
C LYS A 39 -11.54 -19.85 -12.07
N ASN A 40 -11.44 -19.14 -10.96
CA ASN A 40 -12.36 -18.07 -10.63
C ASN A 40 -12.20 -16.88 -11.55
N ALA A 41 -11.05 -16.80 -12.21
CA ALA A 41 -10.81 -15.76 -13.15
C ALA A 41 -11.39 -16.13 -14.53
N GLY A 42 -12.00 -17.31 -14.67
CA GLY A 42 -12.56 -17.75 -15.94
C GLY A 42 -11.58 -18.39 -16.91
N ILE A 43 -10.44 -18.82 -16.40
CA ILE A 43 -9.38 -19.35 -17.24
C ILE A 43 -9.29 -20.87 -17.06
N ARG A 44 -9.13 -21.59 -18.21
CA ARG A 44 -9.03 -23.02 -18.20
C ARG A 44 -7.65 -23.57 -18.67
N LYS A 45 -6.98 -22.87 -19.58
CA LYS A 45 -5.70 -23.39 -20.13
C LYS A 45 -4.58 -22.38 -19.96
N VAL A 46 -3.45 -22.77 -19.35
CA VAL A 46 -2.36 -21.85 -19.09
C VAL A 46 -1.03 -22.37 -19.60
N LEU A 47 -0.08 -21.44 -19.75
CA LEU A 47 1.34 -21.81 -19.89
C LEU A 47 1.97 -21.75 -18.51
N PHE A 48 2.50 -22.86 -18.07
CA PHE A 48 3.21 -22.98 -16.79
C PHE A 48 4.70 -22.79 -17.11
N LEU A 49 5.27 -21.65 -16.73
CA LEU A 49 6.65 -21.30 -17.05
C LEU A 49 7.48 -21.40 -15.79
N TYR A 50 8.65 -22.02 -15.89
CA TYR A 50 9.53 -22.06 -14.71
C TYR A 50 11.02 -22.09 -15.06
N GLY A 51 11.83 -22.17 -14.03
CA GLY A 51 13.27 -21.96 -14.14
C GLY A 51 14.04 -23.26 -14.23
N GLY A 52 15.12 -23.33 -13.45
CA GLY A 52 16.12 -24.37 -13.62
C GLY A 52 15.90 -25.62 -12.83
N GLY A 53 14.77 -25.74 -12.16
CA GLY A 53 14.43 -26.98 -11.49
C GLY A 53 14.43 -27.01 -9.96
N SER A 54 14.77 -25.91 -9.30
CA SER A 54 14.61 -25.80 -7.83
C SER A 54 13.19 -26.17 -7.37
N ILE A 55 12.19 -25.83 -8.19
CA ILE A 55 10.81 -26.12 -7.77
C ILE A 55 10.43 -27.58 -7.76
N LYS A 56 11.16 -28.38 -8.52
CA LYS A 56 10.94 -29.85 -8.49
C LYS A 56 11.63 -30.53 -7.31
N LYS A 57 12.64 -29.88 -6.75
CA LYS A 57 13.39 -30.46 -5.64
C LYS A 57 12.79 -30.02 -4.29
N ASN A 58 11.97 -28.96 -4.25
CA ASN A 58 11.45 -28.40 -2.99
C ASN A 58 9.92 -28.49 -2.81
N GLY A 59 9.28 -29.30 -3.62
CA GLY A 59 7.86 -29.50 -3.49
C GLY A 59 6.95 -28.51 -4.20
N VAL A 60 7.46 -27.35 -4.62
CA VAL A 60 6.56 -26.29 -5.21
C VAL A 60 5.85 -26.79 -6.48
N TYR A 61 6.63 -27.40 -7.38
CA TYR A 61 6.10 -27.95 -8.61
C TYR A 61 4.92 -28.85 -8.30
N ASP A 62 5.09 -29.77 -7.36
CA ASP A 62 4.01 -30.69 -7.03
C ASP A 62 2.76 -30.02 -6.45
N GLN A 63 2.95 -28.97 -5.64
CA GLN A 63 1.81 -28.19 -5.08
C GLN A 63 0.99 -27.52 -6.20
N VAL A 64 1.69 -26.93 -7.16
CA VAL A 64 1.04 -26.24 -8.26
C VAL A 64 0.26 -27.24 -9.14
N VAL A 65 0.94 -28.31 -9.55
CA VAL A 65 0.34 -29.29 -10.44
C VAL A 65 -0.89 -29.96 -9.82
N ASP A 66 -0.79 -30.27 -8.54
CA ASP A 66 -1.89 -30.86 -7.80
C ASP A 66 -3.09 -29.90 -7.76
N SER A 67 -2.80 -28.59 -7.60
CA SER A 67 -3.85 -27.60 -7.57
C SER A 67 -4.48 -27.38 -8.95
N LEU A 68 -3.69 -27.37 -9.99
CA LEU A 68 -4.21 -27.22 -11.33
C LEU A 68 -5.13 -28.42 -11.63
N LYS A 69 -4.65 -29.64 -11.37
CA LYS A 69 -5.45 -30.86 -11.59
C LYS A 69 -6.78 -30.81 -10.82
N LYS A 70 -6.71 -30.45 -9.55
CA LYS A 70 -7.88 -30.38 -8.67
C LYS A 70 -8.94 -29.45 -9.23
N HIS A 71 -8.52 -28.34 -9.81
CA HIS A 71 -9.44 -27.30 -10.25
C HIS A 71 -9.74 -27.33 -11.72
N GLY A 72 -9.34 -28.39 -12.42
CA GLY A 72 -9.68 -28.58 -13.84
C GLY A 72 -8.88 -27.70 -14.82
N ILE A 73 -7.70 -27.22 -14.41
CA ILE A 73 -6.90 -26.33 -15.23
C ILE A 73 -5.94 -27.17 -16.08
N GLU A 74 -5.96 -26.97 -17.40
CA GLU A 74 -5.09 -27.65 -18.36
C GLU A 74 -3.90 -26.76 -18.56
N TRP A 75 -2.73 -27.36 -18.68
CA TRP A 75 -1.49 -26.57 -18.86
C TRP A 75 -0.49 -27.21 -19.84
N VAL A 76 0.33 -26.32 -20.42
CA VAL A 76 1.54 -26.69 -21.09
C VAL A 76 2.70 -26.05 -20.37
N GLU A 77 3.87 -26.68 -20.47
CA GLU A 77 5.03 -26.23 -19.71
C GLU A 77 6.16 -25.77 -20.60
N VAL A 78 6.86 -24.75 -20.08
CA VAL A 78 8.16 -24.35 -20.61
C VAL A 78 9.07 -24.10 -19.45
N SER A 79 10.22 -24.78 -19.39
CA SER A 79 11.16 -24.61 -18.28
C SER A 79 12.49 -24.07 -18.77
N GLY A 80 13.42 -23.84 -17.85
CA GLY A 80 14.74 -23.41 -18.25
C GLY A 80 15.02 -21.93 -18.20
N VAL A 81 14.07 -21.15 -17.70
CA VAL A 81 14.33 -19.74 -17.47
C VAL A 81 15.57 -19.61 -16.58
N LYS A 82 16.48 -18.70 -16.94
CA LYS A 82 17.78 -18.46 -16.30
C LYS A 82 17.72 -17.23 -15.36
N PRO A 83 18.52 -17.23 -14.28
CA PRO A 83 18.55 -16.12 -13.35
C PRO A 83 18.66 -14.74 -13.90
N ASN A 84 19.33 -14.49 -15.01
CA ASN A 84 19.08 -13.20 -15.70
C ASN A 84 18.36 -13.57 -16.98
N PRO A 85 17.03 -13.40 -17.06
CA PRO A 85 16.32 -14.11 -18.08
C PRO A 85 16.60 -13.58 -19.42
N VAL A 86 16.63 -14.49 -20.41
CA VAL A 86 17.00 -14.16 -21.79
C VAL A 86 15.83 -14.23 -22.79
N LEU A 87 15.98 -13.42 -23.82
CA LEU A 87 14.96 -13.22 -24.84
C LEU A 87 14.67 -14.49 -25.65
N SER A 88 15.69 -15.32 -25.88
CA SER A 88 15.48 -16.54 -26.66
C SER A 88 14.44 -17.47 -26.00
N LYS A 89 14.52 -17.60 -24.68
CA LYS A 89 13.57 -18.43 -23.93
C LYS A 89 12.17 -17.80 -23.96
N VAL A 90 12.11 -16.47 -23.86
CA VAL A 90 10.81 -15.75 -24.04
C VAL A 90 10.24 -16.05 -25.39
N HIS A 91 11.07 -16.00 -26.44
CA HIS A 91 10.64 -16.36 -27.80
C HIS A 91 10.06 -17.77 -27.89
N GLU A 92 10.74 -18.74 -27.31
CA GLU A 92 10.29 -20.16 -27.24
C GLU A 92 8.92 -20.23 -26.61
N ALA A 93 8.79 -19.58 -25.46
CA ALA A 93 7.54 -19.62 -24.71
C ALA A 93 6.41 -18.89 -25.38
N VAL A 94 6.71 -17.81 -26.11
CA VAL A 94 5.70 -17.11 -26.86
C VAL A 94 5.17 -18.04 -27.95
N GLU A 95 6.03 -18.77 -28.63
CA GLU A 95 5.54 -19.72 -29.67
C GLU A 95 4.68 -20.83 -29.06
N VAL A 96 5.04 -21.37 -27.90
CA VAL A 96 4.23 -22.38 -27.26
C VAL A 96 2.90 -21.79 -26.87
N ALA A 97 2.93 -20.62 -26.22
CA ALA A 97 1.69 -19.89 -25.87
C ALA A 97 0.74 -19.73 -27.04
N LYS A 98 1.27 -19.29 -28.16
CA LYS A 98 0.43 -19.09 -29.34
C LYS A 98 -0.06 -20.42 -29.93
N LYS A 99 0.82 -21.38 -30.08
CA LYS A 99 0.49 -22.66 -30.72
C LYS A 99 -0.55 -23.39 -29.89
N GLU A 100 -0.41 -23.33 -28.57
CA GLU A 100 -1.30 -24.08 -27.68
C GLU A 100 -2.51 -23.28 -27.23
N LYS A 101 -2.66 -22.05 -27.74
CA LYS A 101 -3.80 -21.24 -27.38
C LYS A 101 -4.01 -21.09 -25.86
N VAL A 102 -2.92 -20.87 -25.15
CA VAL A 102 -3.05 -20.63 -23.72
C VAL A 102 -3.84 -19.31 -23.44
N GLU A 103 -4.52 -19.28 -22.31
CA GLU A 103 -5.38 -18.19 -21.95
C GLU A 103 -4.76 -17.28 -20.89
N ALA A 104 -3.65 -17.73 -20.32
CA ALA A 104 -2.91 -16.99 -19.33
C ALA A 104 -1.54 -17.58 -19.18
N VAL A 105 -0.67 -16.86 -18.50
CA VAL A 105 0.65 -17.37 -18.24
C VAL A 105 0.84 -17.44 -16.74
N LEU A 106 1.26 -18.62 -16.28
CA LEU A 106 1.55 -18.89 -14.88
C LEU A 106 3.05 -19.05 -14.68
N GLY A 107 3.67 -18.08 -14.03
CA GLY A 107 5.09 -18.12 -13.73
C GLY A 107 5.28 -18.64 -12.31
N VAL A 108 6.14 -19.63 -12.13
CA VAL A 108 6.38 -20.26 -10.85
C VAL A 108 7.87 -20.25 -10.61
N GLY A 109 8.33 -19.33 -9.78
CA GLY A 109 9.75 -19.17 -9.59
C GLY A 109 10.09 -17.82 -9.00
N GLY A 110 11.28 -17.36 -9.33
CA GLY A 110 11.69 -16.04 -8.93
C GLY A 110 11.34 -14.99 -9.94
N GLY A 111 11.93 -13.81 -9.73
CA GLY A 111 11.70 -12.69 -10.59
C GLY A 111 12.06 -12.90 -12.03
N SER A 112 13.12 -13.65 -12.30
CA SER A 112 13.47 -13.95 -13.69
C SER A 112 12.31 -14.67 -14.37
N VAL A 113 11.70 -15.60 -13.64
CA VAL A 113 10.55 -16.36 -14.18
C VAL A 113 9.32 -15.48 -14.32
N VAL A 114 9.03 -14.68 -13.29
CA VAL A 114 7.81 -13.82 -13.35
C VAL A 114 8.02 -12.72 -14.46
N ASP A 115 9.20 -12.15 -14.57
CA ASP A 115 9.45 -11.18 -15.66
C ASP A 115 9.31 -11.83 -17.03
N SER A 116 9.83 -13.06 -17.15
CA SER A 116 9.70 -13.80 -18.37
C SER A 116 8.23 -14.06 -18.64
N ALA A 117 7.44 -14.46 -17.61
CA ALA A 117 6.01 -14.67 -17.81
C ALA A 117 5.28 -13.41 -18.30
N LYS A 118 5.65 -12.27 -17.73
CA LYS A 118 5.10 -10.98 -18.20
C LYS A 118 5.43 -10.74 -19.67
N ALA A 119 6.68 -11.01 -20.07
CA ALA A 119 7.10 -10.73 -21.45
C ALA A 119 6.39 -11.66 -22.44
N VAL A 120 6.18 -12.90 -22.01
CA VAL A 120 5.51 -13.93 -22.83
C VAL A 120 4.02 -13.61 -22.96
N ALA A 121 3.39 -13.17 -21.85
CA ALA A 121 2.00 -12.77 -21.87
C ALA A 121 1.76 -11.60 -22.87
N ALA A 122 2.71 -10.69 -22.93
CA ALA A 122 2.64 -9.62 -23.92
C ALA A 122 2.93 -10.12 -25.34
N GLY A 123 3.99 -10.91 -25.52
CA GLY A 123 4.39 -11.36 -26.85
C GLY A 123 3.35 -12.28 -27.47
N ALA A 124 2.60 -13.01 -26.63
CA ALA A 124 1.51 -13.86 -27.11
C ALA A 124 0.45 -13.11 -27.91
N LEU A 125 0.28 -11.82 -27.64
CA LEU A 125 -0.71 -11.01 -28.33
C LEU A 125 -0.08 -10.04 -29.34
N TYR A 126 1.19 -10.24 -29.63
CA TYR A 126 1.88 -9.35 -30.57
C TYR A 126 2.45 -10.16 -31.72
N GLU A 127 2.18 -9.68 -32.93
CA GLU A 127 2.62 -10.30 -34.15
C GLU A 127 4.12 -10.20 -34.36
N GLY A 128 4.78 -9.21 -33.78
CA GLY A 128 6.22 -9.08 -33.94
C GLY A 128 7.07 -9.71 -32.86
N ASP A 129 8.28 -9.21 -32.76
CA ASP A 129 9.25 -9.66 -31.78
C ASP A 129 8.99 -8.79 -30.58
N ILE A 130 8.62 -9.42 -29.47
CA ILE A 130 8.36 -8.66 -28.25
C ILE A 130 9.57 -7.84 -27.78
N TRP A 131 10.77 -8.12 -28.28
CA TRP A 131 11.93 -7.26 -27.93
C TRP A 131 11.66 -5.80 -28.31
N ASP A 132 10.78 -5.59 -29.31
CA ASP A 132 10.37 -4.22 -29.73
C ASP A 132 9.98 -3.33 -28.55
N ALA A 133 9.29 -3.94 -27.57
CA ALA A 133 8.80 -3.22 -26.42
C ALA A 133 9.91 -2.71 -25.58
N PHE A 134 11.05 -3.36 -25.61
CA PHE A 134 12.20 -2.95 -24.78
C PHE A 134 13.09 -1.86 -25.39
N ILE A 135 12.85 -1.56 -26.66
CA ILE A 135 13.61 -0.55 -27.41
C ILE A 135 12.67 0.50 -28.04
N GLY A 136 11.47 0.61 -27.50
CA GLY A 136 10.60 1.73 -27.86
C GLY A 136 9.89 1.61 -29.17
N LYS A 137 9.87 0.43 -29.74
CA LYS A 137 9.21 0.20 -31.03
C LYS A 137 7.78 -0.39 -30.92
N TYR A 138 7.32 -0.71 -29.71
CA TYR A 138 5.99 -1.29 -29.43
C TYR A 138 5.58 -0.89 -28.03
N GLN A 139 4.36 -0.40 -27.89
CA GLN A 139 3.77 -0.04 -26.58
C GLN A 139 2.87 -1.19 -26.15
N ILE A 140 3.25 -1.89 -25.08
CA ILE A 140 2.38 -2.94 -24.58
C ILE A 140 1.15 -2.34 -23.94
N GLU A 141 0.01 -2.47 -24.61
CA GLU A 141 -1.30 -2.04 -24.05
C GLU A 141 -2.16 -3.20 -23.59
N LYS A 142 -1.85 -4.41 -24.07
CA LYS A 142 -2.61 -5.61 -23.77
C LYS A 142 -1.67 -6.82 -23.64
N ALA A 143 -2.05 -7.74 -22.78
CA ALA A 143 -1.27 -8.93 -22.54
C ALA A 143 -2.22 -10.01 -21.99
N LEU A 144 -1.86 -11.27 -22.15
CA LEU A 144 -2.64 -12.31 -21.52
C LEU A 144 -2.60 -12.06 -20.02
N PRO A 145 -3.60 -12.55 -19.32
CA PRO A 145 -3.56 -12.56 -17.88
C PRO A 145 -2.33 -13.28 -17.33
N ILE A 146 -1.76 -12.71 -16.27
CA ILE A 146 -0.57 -13.26 -15.64
C ILE A 146 -0.91 -13.65 -14.20
N PHE A 147 -0.47 -14.85 -13.85
CA PHE A 147 -0.51 -15.36 -12.46
C PHE A 147 0.87 -15.82 -12.05
N ASP A 148 1.15 -15.83 -10.76
CA ASP A 148 2.48 -16.25 -10.34
C ASP A 148 2.47 -16.86 -8.95
N VAL A 149 3.37 -17.83 -8.77
CA VAL A 149 3.71 -18.39 -7.49
C VAL A 149 5.15 -18.02 -7.29
N LEU A 150 5.40 -17.14 -6.32
CA LEU A 150 6.75 -16.55 -6.15
C LEU A 150 7.58 -17.38 -5.15
N THR A 151 8.82 -17.70 -5.51
CA THR A 151 9.66 -18.54 -4.70
C THR A 151 10.92 -17.87 -4.16
N ILE A 152 11.15 -16.61 -4.56
CA ILE A 152 12.19 -15.78 -3.99
C ILE A 152 11.75 -14.34 -3.95
N SER A 153 11.95 -13.73 -2.78
CA SER A 153 11.61 -12.31 -2.61
C SER A 153 12.82 -11.45 -2.85
N ALA A 154 12.66 -10.51 -3.79
CA ALA A 154 13.74 -9.62 -4.15
C ALA A 154 13.22 -8.41 -4.93
N THR A 155 12.58 -8.70 -6.08
CA THR A 155 12.27 -7.66 -7.10
C THR A 155 10.92 -6.94 -6.97
N GLY A 156 9.97 -7.53 -6.25
CA GLY A 156 8.64 -7.00 -6.19
C GLY A 156 7.87 -7.18 -7.47
N THR A 157 8.38 -8.00 -8.40
CA THR A 157 7.74 -8.19 -9.68
C THR A 157 6.33 -8.79 -9.55
N GLU A 158 6.11 -9.55 -8.47
CA GLU A 158 4.80 -10.06 -8.10
C GLU A 158 3.69 -9.03 -7.94
N MET A 159 4.03 -7.75 -7.79
CA MET A 159 2.99 -6.75 -7.63
C MET A 159 3.31 -5.42 -8.34
N ASN A 160 3.86 -5.56 -9.53
CA ASN A 160 4.12 -4.40 -10.37
C ASN A 160 4.05 -4.76 -11.86
N GLY A 161 4.19 -3.75 -12.72
CA GLY A 161 4.06 -3.89 -14.17
C GLY A 161 5.39 -3.89 -14.95
N ASN A 162 6.48 -4.17 -14.24
CA ASN A 162 7.80 -4.16 -14.79
C ASN A 162 8.30 -5.54 -15.22
N ALA A 163 9.19 -5.54 -16.20
CA ALA A 163 9.86 -6.75 -16.66
C ALA A 163 11.22 -6.36 -17.25
N VAL A 164 12.25 -7.15 -16.94
CA VAL A 164 13.62 -6.89 -17.44
C VAL A 164 14.10 -8.17 -18.10
N ILE A 165 14.56 -8.07 -19.34
CA ILE A 165 14.99 -9.20 -20.16
C ILE A 165 16.29 -8.84 -20.86
N THR A 166 17.12 -9.87 -21.01
CA THR A 166 18.42 -9.72 -21.67
C THR A 166 18.35 -10.29 -23.07
N ASN A 167 18.66 -9.45 -24.06
CA ASN A 167 18.82 -9.91 -25.40
C ASN A 167 20.27 -10.35 -25.53
N GLU A 168 20.47 -11.67 -25.60
CA GLU A 168 21.82 -12.25 -25.58
C GLU A 168 22.59 -11.85 -26.83
N LYS A 169 21.88 -11.69 -27.94
CA LYS A 169 22.55 -11.37 -29.20
C LYS A 169 23.18 -9.97 -29.19
N THR A 170 22.61 -9.02 -28.44
CA THR A 170 23.16 -7.64 -28.37
C THR A 170 23.77 -7.27 -27.03
N LYS A 171 23.71 -8.17 -26.06
CA LYS A 171 24.18 -7.91 -24.67
C LYS A 171 23.49 -6.69 -24.06
N GLU A 172 22.18 -6.62 -24.31
CA GLU A 172 21.31 -5.58 -23.80
C GLU A 172 20.36 -6.13 -22.74
N LYS A 173 20.47 -5.64 -21.50
CA LYS A 173 19.56 -6.02 -20.42
C LYS A 173 18.68 -4.81 -20.16
N TYR A 174 17.47 -4.85 -20.70
CA TYR A 174 16.57 -3.71 -20.67
C TYR A 174 15.25 -4.00 -19.95
N GLY A 175 14.67 -2.91 -19.41
CA GLY A 175 13.34 -2.96 -18.76
C GLY A 175 12.20 -2.40 -19.59
N VAL A 176 10.99 -2.86 -19.30
CA VAL A 176 9.72 -2.29 -19.82
C VAL A 176 8.74 -2.18 -18.62
N SER A 177 7.81 -1.23 -18.64
CA SER A 177 6.74 -1.11 -17.67
C SER A 177 5.44 -0.88 -18.37
N SER A 178 4.40 -1.57 -17.95
CA SER A 178 3.09 -1.42 -18.51
C SER A 178 2.05 -1.87 -17.51
N LYS A 179 0.94 -1.16 -17.51
CA LYS A 179 -0.20 -1.56 -16.72
C LYS A 179 -0.72 -2.95 -17.06
N ALA A 180 -0.55 -3.36 -18.32
CA ALA A 180 -0.95 -4.70 -18.73
C ALA A 180 -0.09 -5.81 -18.14
N LEU A 181 1.05 -5.50 -17.52
CA LEU A 181 1.92 -6.55 -17.00
C LEU A 181 1.72 -6.80 -15.50
N TYR A 182 0.85 -6.01 -14.85
CA TYR A 182 0.51 -6.32 -13.49
C TYR A 182 -0.14 -7.69 -13.39
N PRO A 183 0.35 -8.57 -12.52
CA PRO A 183 -0.36 -9.85 -12.34
C PRO A 183 -1.78 -9.70 -11.86
N LYS A 184 -2.64 -10.63 -12.26
CA LYS A 184 -3.99 -10.74 -11.66
C LYS A 184 -3.90 -11.20 -10.21
N VAL A 185 -3.19 -12.28 -10.01
CA VAL A 185 -2.98 -12.83 -8.69
C VAL A 185 -1.57 -13.35 -8.52
N SER A 186 -1.00 -13.03 -7.37
CA SER A 186 0.34 -13.53 -6.98
C SER A 186 0.26 -14.22 -5.61
N ILE A 187 0.77 -15.45 -5.55
CA ILE A 187 0.77 -16.23 -4.32
C ILE A 187 2.19 -16.26 -3.77
N ILE A 188 2.37 -15.82 -2.53
CA ILE A 188 3.67 -15.76 -1.87
C ILE A 188 3.61 -16.61 -0.60
N ASP A 189 4.21 -17.79 -0.66
CA ASP A 189 4.35 -18.62 0.50
C ASP A 189 5.82 -18.49 0.96
N PRO A 190 6.08 -17.66 1.95
CA PRO A 190 7.51 -17.40 2.31
C PRO A 190 8.26 -18.66 2.76
N SER A 191 7.54 -19.69 3.19
CA SER A 191 8.19 -20.91 3.66
C SER A 191 8.95 -21.69 2.57
N VAL A 192 8.58 -21.52 1.31
CA VAL A 192 9.30 -22.21 0.24
C VAL A 192 10.68 -21.60 -0.03
N GLN A 193 10.97 -20.47 0.58
CA GLN A 193 12.26 -19.81 0.43
C GLN A 193 13.34 -20.35 1.38
N PHE A 194 13.00 -21.32 2.21
CA PHE A 194 13.91 -21.80 3.27
C PHE A 194 15.15 -22.45 2.64
N THR A 195 14.95 -22.97 1.43
CA THR A 195 15.98 -23.67 0.64
C THR A 195 16.86 -22.73 -0.19
N LEU A 196 16.70 -21.42 -0.06
CA LEU A 196 17.53 -20.50 -0.83
C LEU A 196 18.97 -20.49 -0.32
N PRO A 197 19.95 -20.45 -1.21
CA PRO A 197 21.33 -20.27 -0.78
C PRO A 197 21.43 -18.92 -0.12
N LYS A 198 22.30 -18.82 0.86
CA LYS A 198 22.48 -17.58 1.61
C LYS A 198 22.69 -16.38 0.67
N GLU A 199 23.63 -16.51 -0.26
CA GLU A 199 23.90 -15.45 -1.29
C GLU A 199 22.65 -14.94 -1.97
N GLN A 200 21.73 -15.82 -2.37
CA GLN A 200 20.53 -15.37 -3.05
C GLN A 200 19.60 -14.66 -2.14
N THR A 201 19.49 -15.12 -0.88
CA THR A 201 18.69 -14.38 0.12
C THR A 201 19.20 -12.93 0.25
N VAL A 202 20.51 -12.82 0.37
CA VAL A 202 21.13 -11.55 0.58
C VAL A 202 21.01 -10.67 -0.67
N TYR A 203 21.24 -11.23 -1.85
CA TYR A 203 21.08 -10.41 -3.07
C TYR A 203 19.65 -9.90 -3.21
N GLY A 204 18.71 -10.77 -2.85
CA GLY A 204 17.30 -10.35 -2.79
C GLY A 204 17.04 -9.20 -1.84
N ALA A 205 17.62 -9.24 -0.65
CA ALA A 205 17.40 -8.17 0.29
C ALA A 205 18.02 -6.85 -0.23
N VAL A 206 19.20 -6.94 -0.80
CA VAL A 206 19.90 -5.77 -1.40
C VAL A 206 19.03 -5.14 -2.51
N ASP A 207 18.48 -5.95 -3.37
CA ASP A 207 17.55 -5.43 -4.39
C ASP A 207 16.32 -4.72 -3.78
N ALA A 208 15.71 -5.30 -2.76
CA ALA A 208 14.58 -4.65 -2.12
C ALA A 208 14.99 -3.28 -1.50
N ILE A 209 16.08 -3.29 -0.76
CA ILE A 209 16.56 -2.04 -0.16
C ILE A 209 16.85 -1.03 -1.25
N SER A 210 17.52 -1.49 -2.30
CA SER A 210 17.89 -0.62 -3.44
C SER A 210 16.66 0.02 -4.14
N HIS A 211 15.59 -0.74 -4.32
CA HIS A 211 14.32 -0.17 -4.81
C HIS A 211 13.81 0.99 -3.97
N ILE A 212 13.87 0.82 -2.66
CA ILE A 212 13.44 1.86 -1.74
C ILE A 212 14.32 3.08 -1.95
N LEU A 213 15.64 2.85 -1.99
CA LEU A 213 16.60 3.93 -2.08
C LEU A 213 16.59 4.66 -3.41
N GLU A 214 16.11 4.01 -4.48
CA GLU A 214 16.07 4.68 -5.77
C GLU A 214 15.00 5.82 -5.66
N TYR A 215 13.96 5.57 -4.88
CA TYR A 215 12.95 6.60 -4.58
C TYR A 215 13.42 7.56 -3.48
N TYR A 216 13.97 7.02 -2.43
CA TYR A 216 14.39 7.80 -1.26
C TYR A 216 15.35 8.96 -1.57
N PHE A 217 16.25 8.72 -2.50
CA PHE A 217 17.26 9.64 -2.92
C PHE A 217 16.91 10.37 -4.23
N ASP A 218 15.66 10.37 -4.66
CA ASP A 218 15.36 11.03 -5.96
C ASP A 218 15.22 12.58 -5.92
N GLY A 219 15.51 13.20 -4.79
CA GLY A 219 15.36 14.62 -4.63
C GLY A 219 14.18 15.01 -3.76
N SER A 220 13.17 14.17 -3.71
CA SER A 220 12.01 14.45 -2.88
C SER A 220 12.22 14.03 -1.43
N SER A 221 11.42 14.60 -0.53
CA SER A 221 11.50 14.19 0.84
C SER A 221 10.21 14.36 1.65
N PRO A 222 9.09 13.79 1.19
CA PRO A 222 7.83 13.89 1.95
C PRO A 222 7.91 13.06 3.22
N GLU A 223 7.36 13.59 4.30
CA GLU A 223 7.52 12.97 5.61
C GLU A 223 6.97 11.53 5.65
N ILE A 224 5.72 11.36 5.27
CA ILE A 224 5.10 10.04 5.28
C ILE A 224 5.89 9.03 4.44
N SER A 225 6.38 9.46 3.28
CA SER A 225 7.12 8.57 2.38
C SER A 225 8.45 8.22 3.01
N ASN A 226 9.08 9.19 3.63
CA ASN A 226 10.37 8.88 4.33
C ASN A 226 10.21 7.88 5.46
N GLU A 227 9.19 8.05 6.28
CA GLU A 227 8.94 7.18 7.42
C GLU A 227 8.71 5.75 6.95
N ILE A 228 7.84 5.56 5.96
CA ILE A 228 7.53 4.23 5.44
C ILE A 228 8.81 3.57 4.85
N ALA A 229 9.57 4.34 4.07
CA ALA A 229 10.83 3.87 3.51
C ALA A 229 11.79 3.43 4.60
N GLU A 230 11.92 4.23 5.66
CA GLU A 230 12.95 3.98 6.66
C GLU A 230 12.60 2.77 7.49
N GLY A 231 11.32 2.65 7.82
CA GLY A 231 10.86 1.50 8.59
C GLY A 231 11.03 0.23 7.78
N THR A 232 10.82 0.32 6.46
CA THR A 232 10.94 -0.88 5.60
C THR A 232 12.44 -1.30 5.45
N ILE A 233 13.33 -0.35 5.21
CA ILE A 233 14.76 -0.63 5.13
C ILE A 233 15.27 -1.23 6.45
N ARG A 234 14.90 -0.66 7.60
CA ARG A 234 15.42 -1.16 8.89
C ARG A 234 14.94 -2.63 9.07
N THR A 235 13.69 -2.88 8.70
CA THR A 235 13.16 -4.24 8.79
C THR A 235 13.93 -5.23 7.88
N ILE A 236 14.12 -4.87 6.62
CA ILE A 236 14.86 -5.72 5.69
C ILE A 236 16.23 -6.07 6.29
N MET A 237 16.95 -5.08 6.79
CA MET A 237 18.30 -5.30 7.35
C MET A 237 18.30 -6.28 8.51
N LYS A 238 17.38 -6.09 9.44
CA LYS A 238 17.22 -6.96 10.62
C LYS A 238 16.90 -8.35 10.15
N MET A 239 15.96 -8.50 9.23
CA MET A 239 15.56 -9.84 8.80
C MET A 239 16.66 -10.55 8.04
N THR A 240 17.41 -9.81 7.22
CA THR A 240 18.51 -10.40 6.48
C THR A 240 19.53 -11.03 7.44
N GLU A 241 19.94 -10.28 8.46
CA GLU A 241 20.85 -10.82 9.47
C GLU A 241 20.30 -12.08 10.15
N ARG A 242 19.00 -12.10 10.44
CA ARG A 242 18.38 -13.26 11.05
C ARG A 242 18.45 -14.46 10.11
N LEU A 243 18.21 -14.21 8.80
CA LEU A 243 18.15 -15.28 7.82
C LEU A 243 19.50 -15.88 7.48
N ILE A 244 20.53 -15.04 7.52
CA ILE A 244 21.93 -15.54 7.39
C ILE A 244 22.25 -16.56 8.50
N GLU A 245 21.73 -16.35 9.69
CA GLU A 245 21.94 -17.28 10.80
C GLU A 245 20.97 -18.43 10.80
N LYS A 246 19.73 -18.15 10.42
CA LYS A 246 18.68 -19.16 10.44
C LYS A 246 17.80 -19.05 9.19
N PRO A 247 18.16 -19.76 8.12
CA PRO A 247 17.39 -19.65 6.86
C PRO A 247 15.95 -20.10 6.94
N ASP A 248 15.59 -20.88 7.96
CA ASP A 248 14.20 -21.32 8.07
C ASP A 248 13.43 -20.56 9.15
N ASP A 249 13.85 -19.33 9.40
CA ASP A 249 13.11 -18.42 10.26
C ASP A 249 11.94 -17.85 9.46
N TYR A 250 10.76 -18.41 9.69
CA TYR A 250 9.60 -18.05 8.90
C TYR A 250 9.28 -16.56 9.02
N GLU A 251 9.25 -16.05 10.24
CA GLU A 251 8.86 -14.64 10.42
C GLU A 251 9.81 -13.70 9.68
N ALA A 252 11.10 -14.02 9.69
CA ALA A 252 12.10 -13.27 8.93
C ALA A 252 11.81 -13.33 7.42
N ARG A 253 11.53 -14.51 6.89
CA ARG A 253 11.15 -14.63 5.48
C ARG A 253 9.88 -13.86 5.19
N ALA A 254 8.88 -13.97 6.08
CA ALA A 254 7.58 -13.32 5.81
C ALA A 254 7.76 -11.76 5.76
N ASN A 255 8.48 -11.21 6.75
CA ASN A 255 8.71 -9.77 6.84
C ASN A 255 9.53 -9.30 5.66
N LEU A 256 10.52 -10.07 5.27
CA LEU A 256 11.37 -9.69 4.13
C LEU A 256 10.50 -9.76 2.88
N ALA A 257 9.66 -10.76 2.80
CA ALA A 257 8.81 -10.94 1.60
C ALA A 257 7.87 -9.76 1.33
N TRP A 258 7.16 -9.36 2.35
CA TRP A 258 6.28 -8.22 2.21
C TRP A 258 7.04 -6.93 1.98
N SER A 259 8.14 -6.71 2.70
CA SER A 259 9.00 -5.53 2.45
C SER A 259 9.42 -5.43 0.98
N ALA A 260 9.81 -6.56 0.39
CA ALA A 260 10.26 -6.57 -1.00
C ALA A 260 9.07 -6.28 -1.88
N THR A 261 7.88 -6.71 -1.48
CA THR A 261 6.70 -6.40 -2.30
C THR A 261 6.39 -4.91 -2.30
N ILE A 262 6.32 -4.31 -1.11
CA ILE A 262 5.96 -2.89 -1.06
C ILE A 262 7.06 -2.00 -1.58
N ALA A 263 8.30 -2.47 -1.54
CA ALA A 263 9.40 -1.71 -2.08
C ALA A 263 9.14 -1.20 -3.53
N LEU A 264 8.47 -2.01 -4.38
CA LEU A 264 8.30 -1.63 -5.75
C LEU A 264 6.86 -1.84 -6.29
N ASN A 265 5.87 -1.84 -5.40
CA ASN A 265 4.48 -1.93 -5.80
C ASN A 265 3.85 -0.55 -5.97
N GLY A 266 4.64 0.52 -5.80
CA GLY A 266 4.11 1.90 -5.88
C GLY A 266 4.13 2.65 -4.56
N THR A 267 4.18 1.88 -3.48
CA THR A 267 4.14 2.44 -2.12
C THR A 267 5.24 3.49 -1.87
N MET A 268 6.42 3.23 -2.41
CA MET A 268 7.61 4.10 -2.14
C MET A 268 7.65 5.28 -3.11
N ALA A 269 6.88 5.19 -4.18
CA ALA A 269 6.80 6.21 -5.23
C ALA A 269 5.88 7.39 -4.90
N VAL A 270 4.93 7.16 -4.01
CA VAL A 270 3.91 8.13 -3.64
C VAL A 270 4.55 9.38 -3.12
N GLY A 271 4.18 10.53 -3.72
CA GLY A 271 4.71 11.82 -3.34
C GLY A 271 6.13 12.15 -3.80
N ARG A 272 6.76 11.27 -4.58
CA ARG A 272 8.13 11.46 -5.01
C ARG A 272 8.19 11.86 -6.49
N ARG A 273 9.41 11.88 -7.05
CA ARG A 273 9.67 12.46 -8.35
C ARG A 273 9.92 11.43 -9.44
N GLY A 274 9.60 10.17 -9.19
CA GLY A 274 9.74 9.12 -10.21
C GLY A 274 10.89 8.20 -9.94
N GLY A 275 11.72 8.53 -8.95
CA GLY A 275 12.89 7.67 -8.67
C GLY A 275 14.12 8.04 -9.47
N GLU A 276 15.30 7.66 -8.97
CA GLU A 276 16.57 7.98 -9.62
C GLU A 276 16.90 7.00 -10.77
N TRP A 277 17.11 5.73 -10.42
CA TRP A 277 17.30 4.60 -11.33
C TRP A 277 18.67 4.48 -12.02
N ALA A 278 19.56 5.41 -11.70
CA ALA A 278 20.92 5.30 -12.24
C ALA A 278 21.63 4.04 -11.81
N CYS A 279 21.56 3.69 -10.52
CA CYS A 279 22.24 2.49 -10.00
C CYS A 279 21.72 1.25 -10.71
N HIS A 280 20.39 1.15 -10.80
CA HIS A 280 19.79 0.03 -11.51
C HIS A 280 20.26 -0.08 -12.94
N ARG A 281 20.26 1.04 -13.64
CA ARG A 281 20.58 1.03 -15.05
C ARG A 281 22.07 0.75 -15.29
N ILE A 282 22.96 1.29 -14.47
CA ILE A 282 24.37 0.84 -14.53
C ILE A 282 24.50 -0.66 -14.23
N GLU A 283 23.78 -1.14 -13.21
CA GLU A 283 23.88 -2.51 -12.80
C GLU A 283 23.46 -3.40 -13.97
N HIS A 284 22.48 -2.99 -14.73
CA HIS A 284 22.01 -3.83 -15.83
C HIS A 284 23.16 -4.17 -16.77
N SER A 285 24.06 -3.22 -17.03
CA SER A 285 25.24 -3.48 -17.84
C SER A 285 26.17 -4.53 -17.22
N LEU A 286 26.35 -4.49 -15.91
CA LEU A 286 27.12 -5.53 -15.23
C LEU A 286 26.47 -6.90 -15.44
N SER A 287 25.17 -6.99 -15.28
CA SER A 287 24.48 -8.27 -15.45
C SER A 287 24.46 -8.72 -16.93
N ALA A 288 24.40 -7.77 -17.86
CA ALA A 288 24.42 -8.10 -19.30
C ALA A 288 25.76 -8.65 -19.76
N LEU A 289 26.83 -8.03 -19.28
CA LEU A 289 28.16 -8.40 -19.66
C LEU A 289 28.77 -9.54 -18.87
N TYR A 290 28.46 -9.69 -17.59
CA TYR A 290 29.09 -10.73 -16.73
C TYR A 290 28.12 -11.72 -16.12
N ASP A 291 26.82 -11.51 -16.33
CA ASP A 291 25.77 -12.39 -15.83
C ASP A 291 25.76 -12.48 -14.32
N ILE A 292 26.29 -11.46 -13.65
CA ILE A 292 26.22 -11.42 -12.21
C ILE A 292 24.78 -11.22 -11.71
N ALA A 293 24.52 -11.61 -10.45
CA ALA A 293 23.18 -11.42 -9.88
C ALA A 293 22.87 -9.92 -9.79
N HIS A 294 21.63 -9.55 -10.13
CA HIS A 294 21.17 -8.13 -10.04
C HIS A 294 21.59 -7.47 -8.72
N GLY A 295 21.26 -8.13 -7.63
CA GLY A 295 21.47 -7.53 -6.31
C GLY A 295 22.94 -7.43 -5.94
N ALA A 296 23.75 -8.37 -6.44
CA ALA A 296 25.22 -8.33 -6.26
C ALA A 296 25.78 -7.09 -6.91
N GLY A 297 25.36 -6.82 -8.12
CA GLY A 297 25.75 -5.61 -8.78
C GLY A 297 25.34 -4.32 -8.12
N LEU A 298 24.13 -4.30 -7.55
CA LEU A 298 23.69 -3.12 -6.85
C LEU A 298 24.50 -2.85 -5.62
N ALA A 299 24.92 -3.93 -4.95
CA ALA A 299 25.79 -3.81 -3.75
C ALA A 299 27.07 -3.09 -4.10
N ILE A 300 27.57 -3.32 -5.32
CA ILE A 300 28.80 -2.69 -5.83
C ILE A 300 28.56 -1.25 -6.23
N VAL A 301 27.52 -1.03 -7.01
CA VAL A 301 27.29 0.28 -7.60
C VAL A 301 26.73 1.30 -6.59
N PHE A 302 25.85 0.85 -5.68
CA PHE A 302 25.05 1.83 -4.95
C PHE A 302 25.92 2.69 -4.07
N PRO A 303 26.81 2.10 -3.29
CA PRO A 303 27.65 2.88 -2.40
C PRO A 303 28.54 3.88 -3.15
N ALA A 304 29.08 3.42 -4.28
CA ALA A 304 29.86 4.31 -5.17
C ALA A 304 29.04 5.49 -5.71
N TRP A 305 27.83 5.19 -6.17
CA TRP A 305 26.95 6.23 -6.64
C TRP A 305 26.66 7.23 -5.53
N MET A 306 26.37 6.74 -4.32
CA MET A 306 26.14 7.62 -3.17
C MET A 306 27.32 8.55 -2.89
N LYS A 307 28.53 8.01 -2.91
CA LYS A 307 29.70 8.78 -2.64
C LYS A 307 29.88 9.86 -3.73
N TYR A 308 29.47 9.56 -4.95
CA TYR A 308 29.63 10.48 -6.07
C TYR A 308 28.61 11.64 -6.04
N VAL A 309 27.39 11.34 -5.65
CA VAL A 309 26.29 12.28 -5.82
C VAL A 309 25.77 13.02 -4.59
N TYR A 310 26.27 12.72 -3.39
CA TYR A 310 25.62 13.19 -2.16
C TYR A 310 25.48 14.71 -2.04
N ARG A 311 26.45 15.43 -2.58
CA ARG A 311 26.40 16.90 -2.54
C ARG A 311 25.15 17.46 -3.24
N LYS A 312 24.51 16.65 -4.07
CA LYS A 312 23.31 17.09 -4.80
C LYS A 312 22.01 16.83 -4.01
N ASN A 313 22.10 16.17 -2.87
CA ASN A 313 20.95 15.88 -2.04
C ASN A 313 21.37 15.68 -0.59
N PRO A 314 22.11 16.62 -0.02
CA PRO A 314 22.78 16.36 1.25
C PRO A 314 21.84 16.09 2.42
N ALA A 315 20.70 16.80 2.44
CA ALA A 315 19.75 16.69 3.54
C ALA A 315 19.14 15.28 3.67
N GLN A 316 18.90 14.63 2.53
CA GLN A 316 18.37 13.30 2.57
C GLN A 316 19.43 12.28 2.96
N PHE A 317 20.69 12.57 2.63
CA PHE A 317 21.79 11.73 3.04
C PHE A 317 22.04 11.88 4.53
N GLU A 318 21.90 13.08 5.10
CA GLU A 318 21.91 13.26 6.55
C GLU A 318 20.82 12.40 7.18
N ARG A 319 19.61 12.49 6.64
CA ARG A 319 18.48 11.82 7.19
C ARG A 319 18.68 10.32 7.14
N PHE A 320 19.23 9.84 6.02
CA PHE A 320 19.53 8.41 5.86
C PHE A 320 20.41 7.91 7.00
N ALA A 321 21.44 8.67 7.33
CA ALA A 321 22.35 8.28 8.41
C ALA A 321 21.71 8.25 9.79
N LYS A 322 20.89 9.26 10.10
CA LYS A 322 20.19 9.34 11.38
C LYS A 322 19.13 8.28 11.48
N LYS A 323 18.37 8.11 10.41
CA LYS A 323 17.22 7.25 10.50
C LYS A 323 17.46 5.77 10.34
N ILE A 324 18.45 5.40 9.56
CA ILE A 324 18.69 3.97 9.30
C ILE A 324 19.71 3.44 10.33
N PHE A 325 20.67 4.26 10.72
CA PHE A 325 21.79 3.81 11.53
C PHE A 325 21.85 4.44 12.89
N GLY A 326 21.00 5.42 13.15
CA GLY A 326 21.00 6.11 14.45
C GLY A 326 22.22 6.98 14.75
N PHE A 327 22.90 7.49 13.72
CA PHE A 327 24.06 8.36 13.93
C PHE A 327 23.60 9.74 14.30
N GLU A 328 24.43 10.48 15.03
CA GLU A 328 24.17 11.87 15.43
C GLU A 328 25.15 12.81 14.73
N GLY A 329 24.74 14.05 14.52
CA GLY A 329 25.62 15.08 13.99
C GLY A 329 25.07 15.72 12.76
N GLU A 330 25.95 16.29 11.95
CA GLU A 330 25.51 17.05 10.79
C GLU A 330 26.50 17.08 9.63
N GLY A 331 26.00 17.50 8.49
CA GLY A 331 26.85 17.81 7.36
C GLY A 331 27.55 16.61 6.78
N GLU A 332 28.67 16.90 6.13
CA GLU A 332 29.41 15.90 5.38
C GLU A 332 29.95 14.74 6.25
N GLU A 333 30.47 15.04 7.45
CA GLU A 333 30.90 13.97 8.37
C GLU A 333 29.79 12.91 8.60
N LEU A 334 28.59 13.39 8.92
CA LEU A 334 27.44 12.49 9.09
C LEU A 334 27.07 11.74 7.80
N ILE A 335 27.00 12.48 6.70
CA ILE A 335 26.67 11.89 5.39
C ILE A 335 27.60 10.71 5.11
N LEU A 336 28.90 10.92 5.36
CA LEU A 336 29.91 9.97 4.94
C LEU A 336 29.89 8.75 5.84
N LYS A 337 29.67 8.98 7.14
CA LYS A 337 29.39 7.92 8.12
C LYS A 337 28.25 6.99 7.69
N GLY A 338 27.13 7.57 7.25
CA GLY A 338 26.00 6.80 6.81
C GLY A 338 26.27 6.01 5.54
N ILE A 339 26.93 6.61 4.55
CA ILE A 339 27.28 5.88 3.34
C ILE A 339 28.26 4.73 3.62
N GLU A 340 29.23 5.00 4.48
CA GLU A 340 30.23 3.98 4.85
C GLU A 340 29.56 2.84 5.62
N ALA A 341 28.62 3.20 6.48
CA ALA A 341 27.89 2.20 7.24
C ALA A 341 27.05 1.34 6.31
N PHE A 342 26.44 1.94 5.29
CA PHE A 342 25.68 1.16 4.30
C PHE A 342 26.60 0.18 3.58
N LYS A 343 27.71 0.67 3.03
CA LYS A 343 28.69 -0.20 2.38
C LYS A 343 29.18 -1.34 3.29
N ASN A 344 29.45 -1.00 4.55
CA ASN A 344 29.99 -1.97 5.49
C ASN A 344 28.96 -3.00 5.89
N TRP A 345 27.68 -2.58 5.93
CA TRP A 345 26.59 -3.52 6.18
C TRP A 345 26.50 -4.53 5.04
N LEU A 346 26.50 -4.05 3.81
CA LEU A 346 26.51 -4.92 2.63
C LEU A 346 27.70 -5.90 2.67
N LYS A 347 28.86 -5.39 3.04
CA LYS A 347 30.05 -6.21 3.14
C LYS A 347 29.85 -7.27 4.25
N LYS A 348 29.31 -6.84 5.40
CA LYS A 348 29.07 -7.73 6.52
C LYS A 348 28.21 -8.92 6.11
N VAL A 349 27.15 -8.65 5.38
CA VAL A 349 26.22 -9.71 5.01
C VAL A 349 26.68 -10.50 3.81
N GLY A 350 27.84 -10.16 3.25
CA GLY A 350 28.47 -11.05 2.26
C GLY A 350 28.34 -10.61 0.81
N ALA A 351 27.69 -9.46 0.55
CA ALA A 351 27.57 -8.98 -0.80
C ALA A 351 28.88 -8.44 -1.28
N PRO A 352 29.13 -8.48 -2.58
CA PRO A 352 30.31 -7.80 -3.11
C PRO A 352 30.13 -6.28 -3.02
N VAL A 353 31.18 -5.54 -2.65
CA VAL A 353 31.10 -4.08 -2.68
C VAL A 353 32.19 -3.39 -3.49
N SER A 354 32.85 -4.18 -4.33
CA SER A 354 33.72 -3.68 -5.34
C SER A 354 33.62 -4.61 -6.58
N LEU A 355 34.04 -4.10 -7.70
CA LEU A 355 34.13 -4.90 -8.91
C LEU A 355 35.12 -6.08 -8.70
N LYS A 356 36.18 -5.82 -7.97
CA LYS A 356 37.18 -6.83 -7.65
C LYS A 356 36.52 -7.96 -6.90
N ASP A 357 35.68 -7.62 -5.92
CA ASP A 357 34.94 -8.69 -5.17
C ASP A 357 34.18 -9.63 -6.13
N ALA A 358 33.68 -9.09 -7.24
CA ALA A 358 32.86 -9.86 -8.19
C ALA A 358 33.64 -10.53 -9.31
N GLY A 359 34.96 -10.32 -9.33
CA GLY A 359 35.80 -10.91 -10.37
C GLY A 359 35.78 -10.06 -11.62
N ILE A 360 35.39 -8.79 -11.52
CA ILE A 360 35.32 -7.91 -12.68
C ILE A 360 36.55 -7.01 -12.70
N PRO A 361 37.33 -7.10 -13.80
CA PRO A 361 38.57 -6.33 -13.93
C PRO A 361 38.31 -4.84 -14.04
N GLU A 362 39.07 -4.07 -13.29
CA GLU A 362 39.01 -2.62 -13.40
C GLU A 362 39.22 -2.12 -14.83
N GLU A 363 40.02 -2.85 -15.60
CA GLU A 363 40.36 -2.46 -16.97
C GLU A 363 39.12 -2.49 -17.85
N ASP A 364 38.09 -3.18 -17.38
CA ASP A 364 36.87 -3.35 -18.21
C ASP A 364 35.90 -2.18 -18.09
N ILE A 365 36.22 -1.22 -17.23
CA ILE A 365 35.29 -0.12 -16.99
C ILE A 365 34.87 0.55 -18.30
N ASP A 366 35.78 0.80 -19.23
CA ASP A 366 35.31 1.45 -20.48
C ASP A 366 34.30 0.62 -21.31
N LYS A 367 34.50 -0.68 -21.36
CA LYS A 367 33.51 -1.57 -22.05
C LYS A 367 32.12 -1.56 -21.35
N ILE A 368 32.14 -1.53 -20.01
CA ILE A 368 30.89 -1.46 -19.20
C ILE A 368 30.20 -0.13 -19.51
N VAL A 369 30.98 0.94 -19.47
CA VAL A 369 30.45 2.27 -19.76
C VAL A 369 29.82 2.31 -21.15
N ASP A 370 30.47 1.71 -22.15
CA ASP A 370 29.92 1.65 -23.48
C ASP A 370 28.52 1.02 -23.47
N ASN A 371 28.37 -0.04 -22.69
CA ASN A 371 27.11 -0.76 -22.63
C ASN A 371 26.04 0.10 -21.95
N VAL A 372 26.45 0.85 -20.93
CA VAL A 372 25.53 1.75 -20.23
C VAL A 372 25.02 2.82 -21.15
N MET A 373 25.92 3.37 -21.96
CA MET A 373 25.56 4.45 -22.90
C MET A 373 24.62 3.94 -23.98
N LEU A 374 24.79 2.71 -24.40
CA LEU A 374 23.90 2.06 -25.37
C LEU A 374 22.51 1.97 -24.78
N LEU A 375 22.46 1.58 -23.50
CA LEU A 375 21.18 1.42 -22.78
C LEU A 375 20.43 2.77 -22.79
N VAL A 376 21.20 3.82 -22.54
CA VAL A 376 20.67 5.17 -22.54
C VAL A 376 20.06 5.52 -23.92
N GLU A 377 20.85 5.32 -24.99
CA GLU A 377 20.35 5.53 -26.38
C GLU A 377 19.16 4.66 -26.72
N LYS A 378 19.21 3.35 -26.46
CA LYS A 378 18.21 2.40 -27.02
C LYS A 378 17.00 2.15 -26.15
N ASN A 379 17.19 2.21 -24.83
CA ASN A 379 16.13 1.88 -23.89
C ASN A 379 15.53 3.11 -23.25
N LEU A 380 16.37 4.07 -22.84
CA LEU A 380 15.85 5.24 -22.10
C LEU A 380 15.29 6.36 -22.96
N LYS A 381 16.05 6.79 -23.94
CA LYS A 381 15.67 7.98 -24.71
C LYS A 381 14.32 7.81 -25.44
N PRO A 382 14.03 6.62 -25.98
CA PRO A 382 12.74 6.47 -26.68
C PRO A 382 11.58 6.81 -25.77
N LYS A 383 11.73 6.55 -24.47
CA LYS A 383 10.67 6.80 -23.49
C LYS A 383 10.90 8.09 -22.70
N GLY A 384 11.70 8.99 -23.26
CA GLY A 384 11.95 10.29 -22.66
C GLY A 384 12.67 10.26 -21.32
N ALA A 385 13.35 9.16 -21.02
CA ALA A 385 13.97 8.97 -19.73
C ALA A 385 15.46 9.32 -19.79
N SER A 386 16.06 9.56 -18.62
CA SER A 386 17.47 9.90 -18.55
C SER A 386 18.14 9.11 -17.43
N LEU A 387 19.45 8.99 -17.55
CA LEU A 387 20.24 8.26 -16.57
C LEU A 387 20.49 9.17 -15.36
N GLY A 388 19.79 8.92 -14.26
CA GLY A 388 19.88 9.77 -13.08
C GLY A 388 18.84 10.88 -13.09
N ARG A 389 18.69 11.51 -11.94
CA ARG A 389 17.73 12.58 -11.71
C ARG A 389 18.31 13.71 -10.86
N ILE A 390 18.80 13.43 -9.65
CA ILE A 390 19.44 14.48 -8.88
C ILE A 390 20.79 14.85 -9.48
N MET A 391 21.34 13.97 -10.31
CA MET A 391 22.45 14.33 -11.19
C MET A 391 22.28 13.51 -12.44
N VAL A 392 22.15 14.11 -13.62
CA VAL A 392 22.08 13.26 -14.81
C VAL A 392 23.50 12.84 -15.11
N LEU A 393 23.67 11.58 -15.42
CA LEU A 393 25.00 11.04 -15.56
C LEU A 393 25.39 10.91 -17.01
N GLU A 394 26.48 11.60 -17.36
CA GLU A 394 27.14 11.39 -18.62
C GLU A 394 28.12 10.23 -18.55
N ARG A 395 28.59 9.85 -19.74
CA ARG A 395 29.62 8.84 -19.90
C ARG A 395 30.73 8.98 -18.85
N GLU A 396 31.30 10.18 -18.71
CA GLU A 396 32.37 10.40 -17.73
C GLU A 396 31.95 10.15 -16.30
N ASP A 397 30.72 10.53 -15.93
CA ASP A 397 30.26 10.32 -14.57
C ASP A 397 30.12 8.81 -14.26
N VAL A 398 29.60 8.07 -15.23
CA VAL A 398 29.45 6.62 -15.08
C VAL A 398 30.83 5.98 -14.87
N ARG A 399 31.79 6.41 -15.65
CA ARG A 399 33.15 5.96 -15.50
C ARG A 399 33.69 6.27 -14.08
N GLU A 400 33.46 7.46 -13.57
CA GLU A 400 33.98 7.83 -12.24
C GLU A 400 33.32 7.00 -11.16
N ILE A 401 32.01 6.76 -11.31
CA ILE A 401 31.31 5.91 -10.36
C ILE A 401 31.91 4.53 -10.36
N LEU A 402 32.14 3.94 -11.54
CA LEU A 402 32.73 2.60 -11.62
C LEU A 402 34.17 2.54 -11.03
N LYS A 403 34.94 3.59 -11.22
CA LYS A 403 36.29 3.71 -10.59
C LYS A 403 36.18 3.69 -9.07
N LEU A 404 35.21 4.41 -8.51
CA LEU A 404 35.00 4.43 -7.06
C LEU A 404 34.62 3.01 -6.56
N ALA A 405 33.92 2.25 -7.42
CA ALA A 405 33.51 0.89 -7.12
C ALA A 405 34.55 -0.17 -7.43
N ALA A 406 35.66 0.18 -8.09
CA ALA A 406 36.58 -0.86 -8.64
C ALA A 406 37.25 -1.73 -7.57
N LYS A 407 37.73 -1.10 -6.48
CA LYS A 407 38.41 -1.84 -5.42
C LYS A 407 37.94 -1.44 -4.00
N HIS B 8 8.92 -18.32 22.99
CA HIS B 8 7.63 -17.72 22.61
C HIS B 8 7.71 -17.01 21.29
N HIS B 9 6.57 -16.87 20.62
CA HIS B 9 6.46 -16.30 19.27
C HIS B 9 5.39 -15.23 19.08
N HIS B 10 5.64 -14.07 19.69
CA HIS B 10 4.69 -12.96 19.70
C HIS B 10 4.79 -12.02 18.53
N HIS B 11 5.58 -12.39 17.50
CA HIS B 11 5.68 -11.53 16.33
C HIS B 11 5.42 -12.34 15.06
N HIS B 12 4.28 -13.03 15.04
CA HIS B 12 3.91 -13.82 13.87
C HIS B 12 3.26 -12.93 12.81
N MET B 13 3.67 -13.10 11.60
CA MET B 13 3.08 -12.38 10.50
C MET B 13 1.94 -13.24 9.99
N GLU B 14 0.68 -12.83 10.19
CA GLU B 14 -0.47 -13.69 9.83
C GLU B 14 -0.62 -13.79 8.31
N ASN B 15 -1.12 -14.95 7.85
CA ASN B 15 -1.55 -15.07 6.46
C ASN B 15 -2.53 -13.96 6.12
N PHE B 16 -2.54 -13.51 4.88
CA PHE B 16 -3.49 -12.52 4.44
C PHE B 16 -3.74 -12.56 2.98
N VAL B 17 -4.83 -11.90 2.60
CA VAL B 17 -5.09 -11.57 1.19
C VAL B 17 -5.18 -10.08 1.08
N PHE B 18 -4.49 -9.49 0.10
CA PHE B 18 -4.50 -8.05 -0.07
C PHE B 18 -4.96 -7.77 -1.49
N HIS B 19 -5.93 -6.90 -1.59
CA HIS B 19 -6.46 -6.51 -2.89
C HIS B 19 -7.22 -5.19 -2.76
N ASN B 20 -6.69 -4.19 -3.44
CA ASN B 20 -7.30 -2.87 -3.40
C ASN B 20 -7.18 -2.26 -4.79
N PRO B 21 -8.24 -2.35 -5.57
CA PRO B 21 -8.20 -1.88 -6.93
C PRO B 21 -8.45 -0.41 -7.16
N THR B 22 -8.69 0.37 -6.09
CA THR B 22 -9.06 1.78 -6.26
C THR B 22 -7.90 2.62 -6.84
N LYS B 23 -8.22 3.48 -7.82
CA LYS B 23 -7.25 4.41 -8.34
C LYS B 23 -7.36 5.69 -7.55
N ILE B 24 -6.22 6.15 -7.06
CA ILE B 24 -6.14 7.46 -6.41
C ILE B 24 -5.47 8.48 -7.35
N VAL B 25 -6.12 9.62 -7.57
CA VAL B 25 -5.51 10.80 -8.20
C VAL B 25 -5.34 11.83 -7.12
N PHE B 26 -4.10 12.24 -6.85
CA PHE B 26 -3.78 13.05 -5.65
C PHE B 26 -2.99 14.32 -5.98
N GLY B 27 -3.37 15.44 -5.36
CA GLY B 27 -2.62 16.69 -5.41
C GLY B 27 -3.42 17.91 -5.84
N ARG B 28 -2.76 19.06 -5.80
CA ARG B 28 -3.34 20.35 -6.24
C ARG B 28 -3.67 20.34 -7.70
N GLY B 29 -4.89 20.76 -8.00
CA GLY B 29 -5.31 20.96 -9.36
C GLY B 29 -5.81 19.69 -10.01
N THR B 30 -6.15 18.68 -9.21
CA THR B 30 -6.53 17.35 -9.76
C THR B 30 -8.02 17.17 -10.03
N ILE B 31 -8.84 18.00 -9.39
CA ILE B 31 -10.29 17.80 -9.45
C ILE B 31 -10.86 17.90 -10.88
N PRO B 32 -10.29 18.77 -11.73
CA PRO B 32 -10.70 18.80 -13.15
C PRO B 32 -10.57 17.48 -13.88
N LYS B 33 -9.85 16.51 -13.32
CA LYS B 33 -9.73 15.19 -13.97
C LYS B 33 -10.99 14.33 -13.79
N ILE B 34 -11.90 14.73 -12.88
CA ILE B 34 -13.01 13.85 -12.48
C ILE B 34 -13.85 13.43 -13.71
N GLY B 35 -14.12 14.38 -14.60
CA GLY B 35 -14.87 14.08 -15.83
C GLY B 35 -14.12 13.19 -16.81
N GLU B 36 -12.81 13.34 -16.84
CA GLU B 36 -11.98 12.50 -17.66
C GLU B 36 -12.00 11.08 -17.12
N GLU B 37 -11.84 10.91 -15.80
CA GLU B 37 -11.91 9.54 -15.25
C GLU B 37 -13.28 8.86 -15.53
N ILE B 38 -14.38 9.59 -15.41
CA ILE B 38 -15.68 9.00 -15.55
C ILE B 38 -15.86 8.65 -17.04
N LYS B 39 -15.48 9.57 -17.95
CA LYS B 39 -15.55 9.34 -19.39
C LYS B 39 -14.73 8.11 -19.74
N ASN B 40 -13.50 8.03 -19.20
CA ASN B 40 -12.60 6.93 -19.57
C ASN B 40 -13.07 5.59 -19.01
N ALA B 41 -13.87 5.64 -17.95
CA ALA B 41 -14.51 4.47 -17.36
C ALA B 41 -15.78 4.06 -18.13
N GLY B 42 -16.13 4.81 -19.16
CA GLY B 42 -17.21 4.43 -20.06
C GLY B 42 -18.59 4.89 -19.57
N ILE B 43 -18.61 5.89 -18.68
CA ILE B 43 -19.84 6.30 -18.01
C ILE B 43 -20.35 7.65 -18.54
N ARG B 44 -21.66 7.72 -18.78
CA ARG B 44 -22.32 8.85 -19.46
C ARG B 44 -23.19 9.70 -18.51
N LYS B 45 -23.69 9.08 -17.43
CA LYS B 45 -24.72 9.71 -16.57
C LYS B 45 -24.49 9.25 -15.15
N VAL B 46 -24.31 10.21 -14.25
CA VAL B 46 -24.07 9.95 -12.83
C VAL B 46 -25.08 10.67 -11.93
N LEU B 47 -25.25 10.13 -10.72
CA LEU B 47 -25.83 10.88 -9.60
C LEU B 47 -24.71 11.59 -8.88
N PHE B 48 -24.83 12.91 -8.76
CA PHE B 48 -23.88 13.80 -8.11
C PHE B 48 -24.43 14.05 -6.73
N LEU B 49 -23.77 13.47 -5.74
CA LEU B 49 -24.22 13.48 -4.37
C LEU B 49 -23.31 14.34 -3.52
N TYR B 50 -23.89 15.24 -2.72
CA TYR B 50 -23.08 16.10 -1.87
C TYR B 50 -23.80 16.53 -0.60
N GLY B 51 -23.11 17.33 0.19
CA GLY B 51 -23.47 17.60 1.57
C GLY B 51 -24.15 18.94 1.66
N GLY B 52 -23.66 19.76 2.59
CA GLY B 52 -24.26 21.04 2.85
C GLY B 52 -23.66 22.19 2.08
N GLY B 53 -23.11 21.99 0.90
CA GLY B 53 -22.67 23.23 0.15
C GLY B 53 -21.48 24.10 0.69
N SER B 54 -20.65 23.52 1.54
CA SER B 54 -19.26 23.94 1.56
C SER B 54 -18.58 23.81 0.19
N ILE B 55 -18.99 22.81 -0.61
CA ILE B 55 -18.35 22.65 -1.91
C ILE B 55 -18.69 23.76 -2.88
N LYS B 56 -19.90 24.35 -2.80
CA LYS B 56 -20.22 25.50 -3.63
C LYS B 56 -19.45 26.74 -3.16
N LYS B 57 -19.41 26.89 -1.86
CA LYS B 57 -18.74 28.03 -1.25
C LYS B 57 -17.24 28.04 -1.55
N ASN B 58 -16.59 26.88 -1.59
CA ASN B 58 -15.12 26.83 -1.82
C ASN B 58 -14.71 26.50 -3.26
N GLY B 59 -15.64 26.55 -4.20
CA GLY B 59 -15.25 26.33 -5.60
C GLY B 59 -15.05 24.90 -6.07
N VAL B 60 -15.15 23.90 -5.16
CA VAL B 60 -15.07 22.47 -5.51
C VAL B 60 -16.23 22.13 -6.47
N TYR B 61 -17.44 22.62 -6.19
CA TYR B 61 -18.58 22.33 -7.03
C TYR B 61 -18.33 22.80 -8.49
N ASP B 62 -17.89 24.04 -8.67
CA ASP B 62 -17.65 24.52 -10.04
C ASP B 62 -16.53 23.77 -10.76
N GLN B 63 -15.49 23.33 -10.05
CA GLN B 63 -14.42 22.53 -10.68
C GLN B 63 -15.00 21.22 -11.19
N VAL B 64 -15.88 20.62 -10.39
CA VAL B 64 -16.45 19.35 -10.74
C VAL B 64 -17.38 19.55 -11.92
N VAL B 65 -18.30 20.51 -11.81
CA VAL B 65 -19.30 20.73 -12.87
C VAL B 65 -18.66 21.14 -14.20
N ASP B 66 -17.63 21.97 -14.14
CA ASP B 66 -16.93 22.36 -15.33
C ASP B 66 -16.28 21.15 -16.01
N SER B 67 -15.69 20.25 -15.22
CA SER B 67 -15.12 18.99 -15.74
C SER B 67 -16.20 18.05 -16.35
N LEU B 68 -17.30 17.84 -15.64
CA LEU B 68 -18.38 16.99 -16.17
C LEU B 68 -18.88 17.53 -17.53
N LYS B 69 -19.11 18.84 -17.59
CA LYS B 69 -19.54 19.51 -18.82
C LYS B 69 -18.50 19.37 -19.92
N LYS B 70 -17.23 19.56 -19.59
CA LYS B 70 -16.16 19.45 -20.59
C LYS B 70 -16.09 18.04 -21.21
N HIS B 71 -16.31 17.00 -20.39
CA HIS B 71 -16.14 15.61 -20.80
C HIS B 71 -17.47 14.94 -21.19
N GLY B 72 -18.52 15.75 -21.36
CA GLY B 72 -19.85 15.25 -21.83
C GLY B 72 -20.58 14.33 -20.85
N ILE B 73 -20.40 14.54 -19.55
CA ILE B 73 -21.07 13.71 -18.55
C ILE B 73 -22.37 14.39 -18.10
N GLU B 74 -23.47 13.66 -18.21
CA GLU B 74 -24.76 14.14 -17.74
C GLU B 74 -24.90 13.84 -16.25
N TRP B 75 -25.63 14.68 -15.52
CA TRP B 75 -25.83 14.37 -14.10
C TRP B 75 -27.13 14.90 -13.52
N VAL B 76 -27.50 14.32 -12.37
CA VAL B 76 -28.61 14.78 -11.55
C VAL B 76 -28.04 14.94 -10.14
N GLU B 77 -28.47 15.95 -9.41
CA GLU B 77 -27.92 16.22 -8.09
C GLU B 77 -28.83 15.81 -6.98
N VAL B 78 -28.24 15.34 -5.89
CA VAL B 78 -28.96 15.25 -4.65
C VAL B 78 -28.02 15.83 -3.61
N SER B 79 -28.50 16.78 -2.83
CA SER B 79 -27.67 17.41 -1.82
C SER B 79 -28.18 17.17 -0.41
N GLY B 80 -27.46 17.67 0.58
CA GLY B 80 -27.93 17.64 1.94
C GLY B 80 -27.55 16.47 2.79
N VAL B 81 -26.59 15.66 2.31
CA VAL B 81 -26.06 14.62 3.15
C VAL B 81 -25.56 15.29 4.45
N LYS B 82 -25.84 14.68 5.59
CA LYS B 82 -25.44 15.18 6.88
C LYS B 82 -24.14 14.56 7.37
N PRO B 83 -23.39 15.23 8.25
CA PRO B 83 -22.12 14.67 8.78
C PRO B 83 -22.13 13.26 9.41
N ASN B 84 -23.14 12.89 10.20
CA ASN B 84 -23.36 11.44 10.46
C ASN B 84 -24.50 11.03 9.50
N PRO B 85 -24.18 10.41 8.36
CA PRO B 85 -25.20 10.32 7.31
C PRO B 85 -26.32 9.40 7.65
N VAL B 86 -27.50 9.76 7.15
CA VAL B 86 -28.70 9.05 7.53
C VAL B 86 -29.34 8.32 6.36
N LEU B 87 -30.08 7.30 6.75
CA LEU B 87 -30.71 6.38 5.82
C LEU B 87 -31.79 7.01 4.94
N SER B 88 -32.52 7.97 5.48
CA SER B 88 -33.60 8.61 4.73
C SER B 88 -33.05 9.29 3.48
N LYS B 89 -31.87 9.89 3.60
CA LYS B 89 -31.21 10.56 2.49
C LYS B 89 -30.68 9.55 1.44
N VAL B 90 -30.22 8.40 1.91
CA VAL B 90 -29.81 7.31 1.03
C VAL B 90 -31.07 6.84 0.30
N HIS B 91 -32.18 6.65 1.01
CA HIS B 91 -33.43 6.24 0.36
C HIS B 91 -33.82 7.19 -0.74
N GLU B 92 -33.81 8.48 -0.42
CA GLU B 92 -34.13 9.54 -1.37
C GLU B 92 -33.27 9.43 -2.66
N ALA B 93 -31.96 9.27 -2.48
CA ALA B 93 -30.98 9.20 -3.56
C ALA B 93 -31.05 7.91 -4.39
N VAL B 94 -31.33 6.79 -3.73
CA VAL B 94 -31.57 5.55 -4.43
C VAL B 94 -32.77 5.69 -5.41
N GLU B 95 -33.85 6.31 -4.95
CA GLU B 95 -35.04 6.50 -5.80
C GLU B 95 -34.69 7.34 -7.05
N VAL B 96 -33.91 8.39 -6.85
CA VAL B 96 -33.41 9.22 -7.96
C VAL B 96 -32.52 8.43 -8.93
N ALA B 97 -31.56 7.69 -8.39
CA ALA B 97 -30.64 6.87 -9.18
C ALA B 97 -31.38 5.85 -10.01
N LYS B 98 -32.40 5.23 -9.42
CA LYS B 98 -33.23 4.25 -10.13
C LYS B 98 -34.11 4.95 -11.17
N LYS B 99 -34.78 6.01 -10.77
CA LYS B 99 -35.73 6.67 -11.67
C LYS B 99 -35.00 7.34 -12.82
N GLU B 100 -33.83 7.93 -12.54
CA GLU B 100 -33.01 8.58 -13.58
C GLU B 100 -32.06 7.66 -14.34
N LYS B 101 -31.99 6.38 -13.97
CA LYS B 101 -31.16 5.39 -14.65
C LYS B 101 -29.69 5.82 -14.70
N VAL B 102 -29.19 6.27 -13.57
CA VAL B 102 -27.78 6.66 -13.53
C VAL B 102 -26.90 5.44 -13.66
N GLU B 103 -25.72 5.64 -14.23
CA GLU B 103 -24.75 4.56 -14.44
C GLU B 103 -23.68 4.50 -13.38
N ALA B 104 -23.56 5.58 -12.63
CA ALA B 104 -22.65 5.64 -11.51
C ALA B 104 -23.05 6.68 -10.49
N VAL B 105 -22.42 6.62 -9.32
CA VAL B 105 -22.61 7.61 -8.27
C VAL B 105 -21.31 8.34 -8.04
N LEU B 106 -21.39 9.67 -8.09
CA LEU B 106 -20.24 10.56 -7.84
C LEU B 106 -20.50 11.32 -6.53
N GLY B 107 -19.69 10.99 -5.50
CA GLY B 107 -19.81 11.66 -4.22
C GLY B 107 -18.73 12.72 -4.12
N VAL B 108 -19.13 13.92 -3.72
CA VAL B 108 -18.21 15.04 -3.63
C VAL B 108 -18.37 15.62 -2.26
N GLY B 109 -17.39 15.44 -1.40
CA GLY B 109 -17.52 15.89 -0.01
C GLY B 109 -16.64 15.04 0.87
N GLY B 110 -16.99 14.96 2.17
CA GLY B 110 -16.24 14.15 3.13
C GLY B 110 -16.74 12.75 3.25
N GLY B 111 -16.29 12.08 4.30
CA GLY B 111 -16.63 10.69 4.49
C GLY B 111 -18.11 10.35 4.49
N SER B 112 -18.89 11.25 5.06
CA SER B 112 -20.35 11.09 5.15
C SER B 112 -20.96 11.01 3.73
N VAL B 113 -20.42 11.80 2.80
CA VAL B 113 -20.91 11.79 1.42
C VAL B 113 -20.41 10.55 0.69
N VAL B 114 -19.14 10.21 0.89
CA VAL B 114 -18.64 9.07 0.15
C VAL B 114 -19.31 7.80 0.66
N ASP B 115 -19.47 7.64 1.96
CA ASP B 115 -20.25 6.49 2.50
C ASP B 115 -21.68 6.45 1.97
N SER B 116 -22.34 7.62 1.91
CA SER B 116 -23.69 7.68 1.36
C SER B 116 -23.70 7.28 -0.14
N ALA B 117 -22.68 7.69 -0.88
CA ALA B 117 -22.54 7.34 -2.28
C ALA B 117 -22.44 5.83 -2.49
N LYS B 118 -21.64 5.19 -1.64
CA LYS B 118 -21.51 3.73 -1.65
C LYS B 118 -22.86 3.06 -1.39
N ALA B 119 -23.61 3.57 -0.40
CA ALA B 119 -24.86 2.95 0.02
C ALA B 119 -25.90 3.14 -1.07
N VAL B 120 -25.84 4.28 -1.73
CA VAL B 120 -26.73 4.57 -2.88
C VAL B 120 -26.36 3.71 -4.09
N ALA B 121 -25.06 3.51 -4.32
CA ALA B 121 -24.60 2.69 -5.44
C ALA B 121 -25.08 1.24 -5.29
N ALA B 122 -25.05 0.73 -4.06
CA ALA B 122 -25.54 -0.62 -3.75
C ALA B 122 -27.06 -0.67 -3.86
N GLY B 123 -27.73 0.28 -3.20
CA GLY B 123 -29.19 0.31 -3.18
C GLY B 123 -29.82 0.42 -4.56
N ALA B 124 -29.12 1.07 -5.48
CA ALA B 124 -29.60 1.24 -6.86
C ALA B 124 -29.75 -0.08 -7.56
N LEU B 125 -29.02 -1.09 -7.10
CA LEU B 125 -29.10 -2.42 -7.70
C LEU B 125 -29.83 -3.43 -6.81
N TYR B 126 -30.56 -2.97 -5.80
CA TYR B 126 -31.22 -3.87 -4.86
C TYR B 126 -32.69 -3.54 -4.82
N GLU B 127 -33.50 -4.60 -4.86
CA GLU B 127 -34.95 -4.44 -4.90
C GLU B 127 -35.50 -3.95 -3.57
N GLY B 128 -34.84 -4.29 -2.49
CA GLY B 128 -35.37 -4.00 -1.18
C GLY B 128 -34.84 -2.72 -0.59
N ASP B 129 -34.96 -2.64 0.73
CA ASP B 129 -34.42 -1.54 1.51
C ASP B 129 -32.94 -1.85 1.79
N ILE B 130 -32.04 -0.97 1.33
CA ILE B 130 -30.61 -1.23 1.47
C ILE B 130 -30.19 -1.31 2.93
N TRP B 131 -31.04 -0.85 3.83
CA TRP B 131 -30.73 -1.01 5.25
C TRP B 131 -30.53 -2.50 5.56
N ASP B 132 -31.13 -3.36 4.74
CA ASP B 132 -30.96 -4.81 4.96
C ASP B 132 -29.47 -5.18 5.06
N ALA B 133 -28.65 -4.50 4.27
CA ALA B 133 -27.23 -4.81 4.27
C ALA B 133 -26.54 -4.49 5.61
N PHE B 134 -27.12 -3.62 6.41
CA PHE B 134 -26.48 -3.22 7.65
C PHE B 134 -26.92 -4.10 8.82
N ILE B 135 -27.89 -4.98 8.57
CA ILE B 135 -28.41 -5.86 9.63
C ILE B 135 -28.42 -7.34 9.17
N GLY B 136 -27.54 -7.65 8.23
CA GLY B 136 -27.27 -9.01 7.81
C GLY B 136 -28.37 -9.69 7.04
N LYS B 137 -29.19 -8.91 6.34
CA LYS B 137 -30.25 -9.48 5.53
C LYS B 137 -29.98 -9.42 4.01
N TYR B 138 -28.83 -8.87 3.63
CA TYR B 138 -28.43 -8.71 2.23
C TYR B 138 -26.94 -8.56 2.16
N GLN B 139 -26.30 -9.38 1.34
CA GLN B 139 -24.84 -9.35 1.17
C GLN B 139 -24.61 -8.60 -0.11
N ILE B 140 -23.98 -7.43 -0.06
CA ILE B 140 -23.76 -6.68 -1.29
C ILE B 140 -22.66 -7.33 -2.12
N GLU B 141 -23.05 -7.87 -3.26
CA GLU B 141 -22.12 -8.45 -4.26
C GLU B 141 -21.88 -7.56 -5.48
N LYS B 142 -22.88 -6.75 -5.82
CA LYS B 142 -22.73 -5.77 -6.89
C LYS B 142 -23.27 -4.38 -6.49
N ALA B 143 -22.66 -3.36 -7.08
CA ALA B 143 -23.10 -1.95 -6.86
C ALA B 143 -22.78 -1.16 -8.14
N LEU B 144 -23.46 -0.04 -8.40
CA LEU B 144 -23.01 0.86 -9.45
C LEU B 144 -21.58 1.27 -9.15
N PRO B 145 -20.80 1.61 -10.17
CA PRO B 145 -19.49 2.23 -9.97
C PRO B 145 -19.58 3.49 -9.16
N ILE B 146 -18.57 3.66 -8.31
CA ILE B 146 -18.50 4.78 -7.40
C ILE B 146 -17.27 5.60 -7.74
N PHE B 147 -17.45 6.91 -7.87
CA PHE B 147 -16.37 7.91 -8.01
C PHE B 147 -16.53 8.92 -6.92
N ASP B 148 -15.41 9.44 -6.48
CA ASP B 148 -15.46 10.49 -5.47
C ASP B 148 -14.39 11.58 -5.59
N VAL B 149 -14.78 12.78 -5.16
CA VAL B 149 -13.89 13.90 -4.93
C VAL B 149 -13.93 14.16 -3.43
N LEU B 150 -12.84 13.81 -2.73
CA LEU B 150 -12.79 13.88 -1.28
C LEU B 150 -12.35 15.29 -0.81
N THR B 151 -13.11 15.84 0.11
CA THR B 151 -12.79 17.17 0.65
C THR B 151 -12.41 17.27 2.12
N ILE B 152 -12.43 16.14 2.82
CA ILE B 152 -11.98 16.07 4.23
C ILE B 152 -11.34 14.71 4.44
N SER B 153 -10.14 14.73 5.00
CA SER B 153 -9.37 13.50 5.24
C SER B 153 -9.56 13.05 6.68
N ALA B 154 -10.00 11.81 6.83
CA ALA B 154 -10.35 11.30 8.14
C ALA B 154 -10.49 9.77 8.09
N THR B 155 -11.43 9.31 7.28
CA THR B 155 -11.94 7.95 7.39
C THR B 155 -11.31 6.93 6.46
N GLY B 156 -10.59 7.40 5.42
CA GLY B 156 -10.02 6.51 4.44
C GLY B 156 -11.09 5.86 3.57
N THR B 157 -12.34 6.32 3.68
CA THR B 157 -13.44 5.74 2.84
C THR B 157 -13.17 5.84 1.31
N GLU B 158 -12.36 6.81 0.90
CA GLU B 158 -11.95 6.98 -0.49
C GLU B 158 -11.20 5.78 -1.08
N MET B 159 -10.68 4.87 -0.24
CA MET B 159 -9.91 3.74 -0.69
C MET B 159 -10.21 2.45 0.06
N ASN B 160 -11.49 2.26 0.39
CA ASN B 160 -11.91 1.00 0.98
C ASN B 160 -13.33 0.67 0.65
N GLY B 161 -13.82 -0.48 1.13
CA GLY B 161 -15.17 -0.92 0.80
C GLY B 161 -16.18 -0.75 1.92
N ASN B 162 -15.91 0.17 2.85
CA ASN B 162 -16.73 0.35 4.04
C ASN B 162 -17.69 1.55 3.89
N ALA B 163 -18.82 1.43 4.54
CA ALA B 163 -19.81 2.49 4.64
C ALA B 163 -20.55 2.39 5.97
N VAL B 164 -20.76 3.53 6.58
CA VAL B 164 -21.48 3.62 7.86
C VAL B 164 -22.66 4.57 7.67
N ILE B 165 -23.86 4.07 7.98
CA ILE B 165 -25.06 4.83 7.88
C ILE B 165 -25.83 4.73 9.18
N THR B 166 -26.53 5.81 9.53
CA THR B 166 -27.47 5.83 10.67
C THR B 166 -28.91 5.75 10.21
N ASN B 167 -29.60 4.75 10.77
CA ASN B 167 -31.04 4.64 10.64
C ASN B 167 -31.66 5.49 11.76
N GLU B 168 -32.16 6.67 11.43
CA GLU B 168 -32.67 7.61 12.45
C GLU B 168 -33.94 7.04 13.14
N LYS B 169 -34.66 6.19 12.45
CA LYS B 169 -35.87 5.57 12.97
C LYS B 169 -35.56 4.77 14.23
N THR B 170 -34.43 4.06 14.24
CA THR B 170 -34.09 3.12 15.31
C THR B 170 -32.89 3.53 16.12
N LYS B 171 -32.28 4.66 15.78
CA LYS B 171 -31.03 5.16 16.37
C LYS B 171 -29.89 4.13 16.33
N GLU B 172 -29.76 3.50 15.18
CA GLU B 172 -28.73 2.48 14.91
C GLU B 172 -27.70 3.03 13.90
N LYS B 173 -26.44 3.15 14.30
CA LYS B 173 -25.41 3.61 13.39
C LYS B 173 -24.53 2.41 13.10
N TYR B 174 -24.73 1.82 11.93
CA TYR B 174 -24.06 0.58 11.54
C TYR B 174 -23.19 0.67 10.31
N GLY B 175 -22.21 -0.24 10.25
CA GLY B 175 -21.31 -0.38 9.12
C GLY B 175 -21.58 -1.60 8.24
N VAL B 176 -21.19 -1.46 6.98
CA VAL B 176 -21.10 -2.61 6.09
C VAL B 176 -19.77 -2.55 5.32
N SER B 177 -19.30 -3.70 4.83
CA SER B 177 -18.05 -3.79 4.07
C SER B 177 -18.27 -4.71 2.88
N SER B 178 -17.92 -4.25 1.67
CA SER B 178 -18.01 -5.07 0.48
C SER B 178 -17.01 -4.69 -0.56
N LYS B 179 -16.54 -5.69 -1.31
CA LYS B 179 -15.64 -5.43 -2.45
C LYS B 179 -16.25 -4.54 -3.48
N ALA B 180 -17.57 -4.62 -3.61
CA ALA B 180 -18.32 -3.84 -4.59
C ALA B 180 -18.40 -2.37 -4.22
N LEU B 181 -18.01 -2.00 -3.01
CA LEU B 181 -18.09 -0.62 -2.58
C LEU B 181 -16.76 0.14 -2.67
N TYR B 182 -15.67 -0.53 -3.09
CA TYR B 182 -14.41 0.19 -3.37
C TYR B 182 -14.64 1.19 -4.56
N PRO B 183 -14.28 2.46 -4.38
CA PRO B 183 -14.42 3.42 -5.47
C PRO B 183 -13.59 3.02 -6.68
N LYS B 184 -14.10 3.33 -7.87
CA LYS B 184 -13.29 3.12 -9.09
C LYS B 184 -12.07 4.11 -9.09
N VAL B 185 -12.39 5.35 -8.79
CA VAL B 185 -11.40 6.44 -8.78
C VAL B 185 -11.78 7.42 -7.71
N SER B 186 -10.79 7.81 -6.90
CA SER B 186 -10.92 8.83 -5.88
C SER B 186 -9.91 9.95 -6.09
N ILE B 187 -10.41 11.18 -6.14
CA ILE B 187 -9.55 12.36 -6.30
C ILE B 187 -9.43 13.14 -5.01
N ILE B 188 -8.18 13.31 -4.55
CA ILE B 188 -7.86 13.99 -3.28
C ILE B 188 -6.97 15.19 -3.56
N ASP B 189 -7.56 16.38 -3.48
CA ASP B 189 -6.78 17.64 -3.58
C ASP B 189 -6.72 18.18 -2.15
N PRO B 190 -5.59 18.00 -1.46
CA PRO B 190 -5.50 18.42 -0.08
C PRO B 190 -5.70 19.93 0.12
N SER B 191 -5.49 20.73 -0.93
CA SER B 191 -5.60 22.19 -0.74
C SER B 191 -7.06 22.57 -0.50
N VAL B 192 -8.02 21.78 -0.95
CA VAL B 192 -9.42 22.15 -0.68
C VAL B 192 -9.77 22.07 0.82
N GLN B 193 -8.88 21.48 1.60
CA GLN B 193 -9.08 21.32 3.07
C GLN B 193 -8.66 22.50 3.88
N PHE B 194 -8.17 23.57 3.24
CA PHE B 194 -7.67 24.72 3.98
C PHE B 194 -8.77 25.40 4.79
N THR B 195 -10.00 25.30 4.31
CA THR B 195 -11.13 25.99 4.94
C THR B 195 -11.81 25.18 6.09
N LEU B 196 -11.29 24.01 6.42
CA LEU B 196 -11.90 23.17 7.47
C LEU B 196 -11.78 23.84 8.82
N PRO B 197 -12.82 23.78 9.65
CA PRO B 197 -12.66 24.15 11.03
C PRO B 197 -11.58 23.32 11.72
N LYS B 198 -10.85 23.95 12.61
CA LYS B 198 -9.85 23.27 13.43
C LYS B 198 -10.37 21.97 14.05
N GLU B 199 -11.55 22.04 14.67
CA GLU B 199 -12.14 20.84 15.30
C GLU B 199 -12.30 19.69 14.33
N GLN B 200 -12.70 19.96 13.09
CA GLN B 200 -12.88 18.90 12.11
C GLN B 200 -11.55 18.34 11.66
N THR B 201 -10.56 19.20 11.50
CA THR B 201 -9.24 18.72 11.19
C THR B 201 -8.75 17.71 12.23
N VAL B 202 -8.89 18.08 13.48
CA VAL B 202 -8.41 17.28 14.59
C VAL B 202 -9.19 15.95 14.73
N TYR B 203 -10.52 16.03 14.61
CA TYR B 203 -11.37 14.86 14.68
C TYR B 203 -10.97 13.90 13.59
N GLY B 204 -10.62 14.42 12.43
CA GLY B 204 -10.23 13.58 11.31
C GLY B 204 -8.89 12.89 11.56
N ALA B 205 -7.91 13.60 12.08
CA ALA B 205 -6.64 13.00 12.57
C ALA B 205 -6.85 11.91 13.62
N VAL B 206 -7.71 12.19 14.59
CA VAL B 206 -8.03 11.18 15.64
C VAL B 206 -8.61 9.95 15.01
N ASP B 207 -9.51 10.13 14.05
CA ASP B 207 -10.03 8.97 13.37
C ASP B 207 -8.94 8.13 12.70
N ALA B 208 -8.05 8.80 11.94
CA ALA B 208 -7.01 8.08 11.20
C ALA B 208 -6.07 7.34 12.18
N ILE B 209 -5.64 8.02 13.26
CA ILE B 209 -4.87 7.34 14.29
C ILE B 209 -5.63 6.13 14.83
N SER B 210 -6.92 6.31 15.13
CA SER B 210 -7.68 5.23 15.78
C SER B 210 -7.79 4.03 14.85
N HIS B 211 -7.96 4.29 13.55
CA HIS B 211 -7.99 3.17 12.59
C HIS B 211 -6.70 2.38 12.69
N ILE B 212 -5.58 3.07 12.73
CA ILE B 212 -4.31 2.35 12.83
C ILE B 212 -4.26 1.56 14.15
N LEU B 213 -4.64 2.20 15.22
CA LEU B 213 -4.54 1.56 16.54
C LEU B 213 -5.46 0.35 16.68
N GLU B 214 -6.59 0.34 15.97
CA GLU B 214 -7.55 -0.77 16.06
C GLU B 214 -6.82 -2.04 15.56
N TYR B 215 -5.96 -1.85 14.58
CA TYR B 215 -5.11 -2.94 14.06
C TYR B 215 -3.88 -3.17 14.95
N TYR B 216 -3.22 -2.09 15.35
CA TYR B 216 -1.98 -2.18 16.13
C TYR B 216 -2.14 -2.98 17.43
N PHE B 217 -3.32 -2.83 18.05
CA PHE B 217 -3.64 -3.46 19.31
C PHE B 217 -4.49 -4.72 19.21
N ASP B 218 -4.60 -5.33 18.02
CA ASP B 218 -5.45 -6.51 17.90
C ASP B 218 -4.88 -7.87 18.41
N GLY B 219 -3.72 -7.81 19.06
CA GLY B 219 -2.97 -8.96 19.54
C GLY B 219 -1.79 -9.39 18.65
N SER B 220 -1.82 -8.98 17.38
CA SER B 220 -0.73 -9.24 16.43
C SER B 220 0.44 -8.25 16.67
N SER B 221 1.64 -8.65 16.25
CA SER B 221 2.78 -7.78 16.32
C SER B 221 3.85 -8.07 15.26
N PRO B 222 3.50 -8.10 13.97
CA PRO B 222 4.53 -8.25 12.94
C PRO B 222 5.38 -7.01 12.85
N GLU B 223 6.68 -7.20 12.68
CA GLU B 223 7.66 -6.15 12.68
C GLU B 223 7.38 -5.13 11.59
N ILE B 224 7.16 -5.58 10.37
CA ILE B 224 6.96 -4.63 9.26
C ILE B 224 5.67 -3.81 9.49
N SER B 225 4.59 -4.47 9.90
CA SER B 225 3.32 -3.75 10.14
C SER B 225 3.43 -2.79 11.31
N ASN B 226 4.17 -3.18 12.36
CA ASN B 226 4.37 -2.26 13.47
C ASN B 226 5.08 -1.01 13.02
N GLU B 227 6.16 -1.20 12.24
CA GLU B 227 6.97 -0.09 11.74
C GLU B 227 6.13 0.91 10.91
N ILE B 228 5.38 0.38 9.95
CA ILE B 228 4.54 1.23 9.12
C ILE B 228 3.48 1.94 9.94
N ALA B 229 2.80 1.22 10.85
CA ALA B 229 1.80 1.82 11.74
C ALA B 229 2.36 2.97 12.56
N GLU B 230 3.53 2.73 13.13
CA GLU B 230 4.15 3.68 14.01
C GLU B 230 4.59 4.93 13.29
N GLY B 231 5.21 4.75 12.15
CA GLY B 231 5.63 5.85 11.32
C GLY B 231 4.45 6.71 10.92
N THR B 232 3.35 6.07 10.50
CA THR B 232 2.15 6.79 10.13
C THR B 232 1.52 7.53 11.31
N ILE B 233 1.39 6.89 12.49
CA ILE B 233 0.88 7.60 13.68
C ILE B 233 1.71 8.86 14.02
N ARG B 234 3.03 8.71 14.02
CA ARG B 234 3.89 9.83 14.30
C ARG B 234 3.70 10.96 13.32
N THR B 235 3.53 10.63 12.03
CA THR B 235 3.33 11.61 10.99
C THR B 235 1.99 12.36 11.21
N ILE B 236 0.93 11.62 11.48
CA ILE B 236 -0.38 12.23 11.72
C ILE B 236 -0.30 13.19 12.88
N MET B 237 0.36 12.79 13.99
CA MET B 237 0.46 13.69 15.12
C MET B 237 1.19 14.99 14.84
N LYS B 238 2.32 14.90 14.15
CA LYS B 238 3.11 16.08 13.77
C LYS B 238 2.30 17.02 12.90
N MET B 239 1.62 16.46 11.89
CA MET B 239 0.85 17.25 10.94
C MET B 239 -0.36 17.93 11.58
N THR B 240 -0.99 17.24 12.54
CA THR B 240 -2.13 17.82 13.26
C THR B 240 -1.71 19.09 13.98
N GLU B 241 -0.59 19.00 14.68
CA GLU B 241 -0.07 20.15 15.38
C GLU B 241 0.24 21.31 14.44
N ARG B 242 0.84 21.02 13.30
CA ARG B 242 1.06 22.05 12.32
C ARG B 242 -0.22 22.69 11.84
N LEU B 243 -1.25 21.87 11.60
CA LEU B 243 -2.50 22.36 10.98
C LEU B 243 -3.31 23.23 11.94
N ILE B 244 -3.18 22.94 13.22
CA ILE B 244 -3.81 23.76 14.26
C ILE B 244 -3.26 25.18 14.23
N GLU B 245 -1.98 25.31 13.96
CA GLU B 245 -1.32 26.62 13.90
C GLU B 245 -1.53 27.29 12.55
N LYS B 246 -1.54 26.48 11.50
CA LYS B 246 -1.52 26.96 10.16
C LYS B 246 -2.37 26.05 9.31
N PRO B 247 -3.66 26.34 9.22
CA PRO B 247 -4.58 25.47 8.46
C PRO B 247 -4.38 25.42 6.95
N ASP B 248 -3.62 26.37 6.39
CA ASP B 248 -3.30 26.34 4.97
C ASP B 248 -1.87 25.81 4.70
N ASP B 249 -1.32 25.03 5.60
CA ASP B 249 -0.02 24.36 5.39
C ASP B 249 -0.26 23.12 4.48
N TYR B 250 0.10 23.26 3.20
CA TYR B 250 -0.22 22.25 2.23
C TYR B 250 0.44 20.94 2.54
N GLU B 251 1.72 20.97 2.88
CA GLU B 251 2.43 19.73 3.06
C GLU B 251 1.80 18.99 4.25
N ALA B 252 1.33 19.70 5.25
CA ALA B 252 0.66 19.06 6.38
C ALA B 252 -0.62 18.43 5.93
N ARG B 253 -1.38 19.14 5.11
CA ARG B 253 -2.64 18.58 4.61
C ARG B 253 -2.39 17.34 3.80
N ALA B 254 -1.40 17.43 2.90
CA ALA B 254 -1.04 16.32 1.99
C ALA B 254 -0.55 15.06 2.76
N ASN B 255 0.33 15.24 3.73
CA ASN B 255 0.82 14.15 4.54
C ASN B 255 -0.32 13.50 5.36
N LEU B 256 -1.16 14.35 5.96
CA LEU B 256 -2.29 13.85 6.74
C LEU B 256 -3.26 13.12 5.83
N ALA B 257 -3.50 13.67 4.64
CA ALA B 257 -4.43 13.02 3.71
C ALA B 257 -4.02 11.60 3.35
N TRP B 258 -2.78 11.40 2.95
CA TRP B 258 -2.34 10.09 2.59
C TRP B 258 -2.27 9.16 3.79
N SER B 259 -1.88 9.66 4.94
CA SER B 259 -1.87 8.84 6.14
C SER B 259 -3.27 8.33 6.50
N ALA B 260 -4.30 9.17 6.38
CA ALA B 260 -5.68 8.75 6.53
C ALA B 260 -6.10 7.70 5.50
N THR B 261 -5.56 7.77 4.28
CA THR B 261 -5.93 6.86 3.24
C THR B 261 -5.33 5.49 3.55
N ILE B 262 -4.04 5.46 3.90
CA ILE B 262 -3.39 4.18 4.18
C ILE B 262 -3.83 3.53 5.52
N ALA B 263 -4.29 4.34 6.45
CA ALA B 263 -4.80 3.83 7.74
C ALA B 263 -5.87 2.77 7.51
N LEU B 264 -6.71 2.92 6.48
CA LEU B 264 -7.81 1.99 6.30
C LEU B 264 -7.97 1.49 4.87
N ASN B 265 -6.89 1.48 4.08
CA ASN B 265 -6.94 0.91 2.73
C ASN B 265 -6.51 -0.58 2.64
N GLY B 266 -6.18 -1.18 3.79
CA GLY B 266 -5.74 -2.56 3.87
C GLY B 266 -4.28 -2.62 4.33
N THR B 267 -3.56 -1.53 4.16
CA THR B 267 -2.18 -1.41 4.60
C THR B 267 -1.89 -1.85 6.05
N MET B 268 -2.70 -1.43 6.97
CA MET B 268 -2.42 -1.69 8.37
C MET B 268 -2.92 -3.07 8.79
N ALA B 269 -3.77 -3.67 7.94
CA ALA B 269 -4.40 -4.99 8.23
C ALA B 269 -3.46 -6.15 7.93
N VAL B 270 -2.63 -5.94 6.90
CA VAL B 270 -1.64 -6.94 6.46
C VAL B 270 -0.87 -7.60 7.61
N GLY B 271 -1.00 -8.93 7.73
CA GLY B 271 -0.25 -9.68 8.73
C GLY B 271 -0.86 -9.69 10.09
N ARG B 272 -2.03 -9.05 10.22
CA ARG B 272 -2.67 -8.96 11.52
C ARG B 272 -3.88 -9.89 11.65
N ARG B 273 -4.73 -9.62 12.64
CA ARG B 273 -5.75 -10.57 13.05
C ARG B 273 -7.15 -10.06 12.74
N GLY B 274 -7.24 -9.01 11.93
CA GLY B 274 -8.52 -8.43 11.53
C GLY B 274 -8.91 -7.16 12.30
N GLY B 275 -8.09 -6.71 13.24
CA GLY B 275 -8.41 -5.56 14.09
C GLY B 275 -9.34 -5.80 15.28
N GLU B 276 -9.32 -4.85 16.21
CA GLU B 276 -10.09 -4.92 17.45
C GLU B 276 -11.54 -4.40 17.26
N TRP B 277 -11.69 -3.10 17.02
CA TRP B 277 -12.96 -2.45 16.56
C TRP B 277 -13.96 -2.16 17.67
N ALA B 278 -13.59 -2.49 18.92
CA ALA B 278 -14.44 -2.23 20.07
C ALA B 278 -14.67 -0.73 20.28
N CYS B 279 -13.59 0.05 20.25
CA CYS B 279 -13.72 1.49 20.41
C CYS B 279 -14.65 2.10 19.38
N HIS B 280 -14.45 1.72 18.11
CA HIS B 280 -15.31 2.17 17.01
C HIS B 280 -16.77 1.85 17.16
N ARG B 281 -17.05 0.61 17.61
CA ARG B 281 -18.43 0.15 17.74
C ARG B 281 -19.09 0.81 18.95
N ILE B 282 -18.36 0.93 20.04
CA ILE B 282 -18.83 1.79 21.14
C ILE B 282 -19.13 3.25 20.70
N GLU B 283 -18.21 3.85 19.95
CA GLU B 283 -18.39 5.24 19.48
C GLU B 283 -19.64 5.41 18.62
N HIS B 284 -19.93 4.41 17.78
CA HIS B 284 -21.10 4.50 16.90
C HIS B 284 -22.32 4.84 17.74
N SER B 285 -22.43 4.25 18.93
CA SER B 285 -23.61 4.46 19.78
C SER B 285 -23.65 5.91 20.30
N LEU B 286 -22.48 6.49 20.60
CA LEU B 286 -22.43 7.90 20.96
C LEU B 286 -22.87 8.78 19.81
N SER B 287 -22.43 8.49 18.59
CA SER B 287 -22.84 9.31 17.45
C SER B 287 -24.32 9.09 17.14
N ALA B 288 -24.82 7.86 17.30
CA ALA B 288 -26.22 7.55 17.05
C ALA B 288 -27.13 8.30 18.01
N LEU B 289 -26.72 8.38 19.28
CA LEU B 289 -27.54 8.97 20.34
C LEU B 289 -27.40 10.47 20.50
N TYR B 290 -26.20 10.99 20.23
CA TYR B 290 -25.91 12.41 20.43
C TYR B 290 -25.45 13.18 19.19
N ASP B 291 -25.24 12.48 18.08
CA ASP B 291 -24.81 13.10 16.84
C ASP B 291 -23.46 13.81 16.96
N ILE B 292 -22.61 13.32 17.87
CA ILE B 292 -21.25 13.87 17.95
C ILE B 292 -20.40 13.39 16.80
N ALA B 293 -19.32 14.14 16.58
CA ALA B 293 -18.32 13.78 15.61
C ALA B 293 -17.71 12.43 15.96
N HIS B 294 -17.55 11.59 14.94
CA HIS B 294 -16.92 10.30 15.09
C HIS B 294 -15.57 10.38 15.82
N GLY B 295 -14.70 11.27 15.37
CA GLY B 295 -13.38 11.42 16.00
C GLY B 295 -13.47 11.92 17.42
N ALA B 296 -14.51 12.67 17.75
CA ALA B 296 -14.63 13.23 19.07
C ALA B 296 -14.97 12.08 20.00
N GLY B 297 -15.87 11.22 19.54
CA GLY B 297 -16.23 10.03 20.36
C GLY B 297 -15.03 9.12 20.60
N LEU B 298 -14.21 8.98 19.58
CA LEU B 298 -13.04 8.10 19.71
C LEU B 298 -12.04 8.64 20.68
N ALA B 299 -11.88 9.95 20.73
CA ALA B 299 -10.93 10.56 21.71
C ALA B 299 -11.31 10.28 23.15
N ILE B 300 -12.62 10.17 23.39
CA ILE B 300 -13.17 9.81 24.69
C ILE B 300 -12.97 8.32 24.97
N VAL B 301 -13.41 7.51 24.03
CA VAL B 301 -13.42 6.06 24.29
C VAL B 301 -12.01 5.43 24.25
N PHE B 302 -11.19 5.76 23.26
CA PHE B 302 -9.92 5.02 23.09
C PHE B 302 -9.05 4.99 24.36
N PRO B 303 -8.75 6.12 24.98
CA PRO B 303 -7.89 6.07 26.17
C PRO B 303 -8.46 5.22 27.31
N ALA B 304 -9.79 5.21 27.41
CA ALA B 304 -10.45 4.48 28.49
C ALA B 304 -10.33 2.98 28.20
N TRP B 305 -10.62 2.62 26.96
CA TRP B 305 -10.46 1.25 26.51
C TRP B 305 -9.03 0.73 26.77
N MET B 306 -8.03 1.53 26.39
CA MET B 306 -6.64 1.21 26.57
C MET B 306 -6.32 0.94 28.03
N LYS B 307 -6.79 1.80 28.93
CA LYS B 307 -6.55 1.58 30.35
C LYS B 307 -7.26 0.30 30.85
N TYR B 308 -8.42 -0.05 30.25
CA TYR B 308 -9.18 -1.23 30.65
C TYR B 308 -8.58 -2.56 30.22
N VAL B 309 -7.95 -2.58 29.04
CA VAL B 309 -7.51 -3.81 28.36
C VAL B 309 -6.04 -4.14 28.34
N TYR B 310 -5.17 -3.23 28.77
CA TYR B 310 -3.75 -3.39 28.43
C TYR B 310 -3.09 -4.65 28.96
N ARG B 311 -3.59 -5.20 30.08
CA ARG B 311 -3.00 -6.44 30.62
C ARG B 311 -3.19 -7.63 29.69
N LYS B 312 -4.12 -7.53 28.73
CA LYS B 312 -4.33 -8.58 27.72
C LYS B 312 -3.37 -8.48 26.51
N ASN B 313 -2.58 -7.41 26.42
CA ASN B 313 -1.64 -7.21 25.32
C ASN B 313 -0.49 -6.30 25.76
N PRO B 314 0.14 -6.62 26.88
CA PRO B 314 1.08 -5.68 27.52
C PRO B 314 2.32 -5.30 26.69
N ALA B 315 2.90 -6.27 25.99
CA ALA B 315 4.11 -5.99 25.15
C ALA B 315 3.84 -4.94 24.04
N GLN B 316 2.67 -4.98 23.43
CA GLN B 316 2.36 -3.98 22.40
C GLN B 316 2.05 -2.59 22.98
N PHE B 317 1.44 -2.54 24.17
CA PHE B 317 1.33 -1.26 24.93
C PHE B 317 2.68 -0.72 25.39
N GLU B 318 3.62 -1.60 25.73
CA GLU B 318 4.99 -1.13 25.98
C GLU B 318 5.59 -0.60 24.70
N ARG B 319 5.42 -1.31 23.57
CA ARG B 319 5.99 -0.82 22.31
C ARG B 319 5.35 0.51 21.86
N PHE B 320 4.07 0.69 22.13
CA PHE B 320 3.37 1.96 21.88
C PHE B 320 4.06 3.13 22.58
N ALA B 321 4.33 2.95 23.86
CA ALA B 321 5.00 3.99 24.64
C ALA B 321 6.37 4.34 24.07
N LYS B 322 7.14 3.33 23.71
CA LYS B 322 8.51 3.51 23.19
C LYS B 322 8.53 4.13 21.79
N LYS B 323 7.70 3.60 20.90
CA LYS B 323 7.76 3.94 19.49
C LYS B 323 6.95 5.18 19.09
N ILE B 324 5.83 5.45 19.75
CA ILE B 324 5.07 6.67 19.47
C ILE B 324 5.59 7.88 20.26
N PHE B 325 6.00 7.65 21.49
CA PHE B 325 6.36 8.76 22.40
C PHE B 325 7.81 8.77 22.87
N GLY B 326 8.57 7.75 22.49
CA GLY B 326 10.02 7.66 22.82
C GLY B 326 10.37 7.35 24.27
N PHE B 327 9.41 6.89 25.04
CA PHE B 327 9.68 6.51 26.43
C PHE B 327 10.53 5.25 26.49
N GLU B 328 11.27 5.10 27.59
CA GLU B 328 12.10 3.94 27.83
C GLU B 328 11.65 3.41 29.13
N GLY B 329 11.78 2.10 29.31
CA GLY B 329 11.37 1.45 30.57
C GLY B 329 10.79 0.07 30.34
N GLU B 330 9.94 -0.37 31.26
CA GLU B 330 9.32 -1.70 31.18
C GLU B 330 8.04 -1.72 32.04
N GLY B 331 7.11 -2.59 31.66
CA GLY B 331 6.00 -2.95 32.53
C GLY B 331 4.86 -1.95 32.61
N GLU B 332 4.11 -2.07 33.69
CA GLU B 332 2.83 -1.35 33.83
C GLU B 332 3.06 0.16 33.87
N GLU B 333 4.13 0.58 34.54
CA GLU B 333 4.56 1.98 34.56
C GLU B 333 4.77 2.61 33.19
N LEU B 334 5.50 1.92 32.34
CA LEU B 334 5.74 2.38 30.96
C LEU B 334 4.43 2.37 30.15
N ILE B 335 3.65 1.31 30.31
CA ILE B 335 2.35 1.21 29.68
C ILE B 335 1.48 2.40 30.06
N LEU B 336 1.41 2.71 31.36
CA LEU B 336 0.51 3.77 31.78
C LEU B 336 1.04 5.13 31.37
N LYS B 337 2.37 5.28 31.35
CA LYS B 337 3.00 6.50 30.81
C LYS B 337 2.59 6.77 29.34
N GLY B 338 2.65 5.74 28.52
CA GLY B 338 2.23 5.84 27.12
C GLY B 338 0.75 6.17 26.91
N ILE B 339 -0.14 5.51 27.65
CA ILE B 339 -1.57 5.80 27.58
C ILE B 339 -1.83 7.23 28.06
N GLU B 340 -1.23 7.64 29.17
CA GLU B 340 -1.44 9.01 29.65
C GLU B 340 -0.93 10.07 28.65
N ALA B 341 0.19 9.80 27.98
CA ALA B 341 0.71 10.72 26.98
C ALA B 341 -0.24 10.83 25.78
N PHE B 342 -0.88 9.73 25.47
CA PHE B 342 -1.82 9.71 24.35
C PHE B 342 -3.07 10.58 24.69
N LYS B 343 -3.62 10.37 25.89
CA LYS B 343 -4.76 11.14 26.40
C LYS B 343 -4.39 12.61 26.42
N ASN B 344 -3.18 12.91 26.87
CA ASN B 344 -2.73 14.27 27.03
C ASN B 344 -2.60 15.00 25.69
N TRP B 345 -2.14 14.27 24.66
CA TRP B 345 -1.96 14.78 23.29
C TRP B 345 -3.31 15.11 22.66
N LEU B 346 -4.25 14.21 22.87
CA LEU B 346 -5.64 14.43 22.49
C LEU B 346 -6.20 15.72 23.11
N LYS B 347 -5.91 15.92 24.39
CA LYS B 347 -6.37 17.10 25.11
C LYS B 347 -5.70 18.37 24.59
N LYS B 348 -4.40 18.30 24.42
CA LYS B 348 -3.61 19.35 23.79
C LYS B 348 -4.20 19.86 22.48
N VAL B 349 -4.55 18.94 21.60
CA VAL B 349 -5.07 19.33 20.30
C VAL B 349 -6.55 19.69 20.33
N GLY B 350 -7.16 19.62 21.51
CA GLY B 350 -8.49 20.17 21.74
C GLY B 350 -9.62 19.16 21.64
N ALA B 351 -9.31 17.88 21.62
CA ALA B 351 -10.38 16.88 21.56
C ALA B 351 -10.89 16.57 22.96
N PRO B 352 -12.17 16.18 23.08
CA PRO B 352 -12.71 15.77 24.37
C PRO B 352 -12.08 14.45 24.76
N VAL B 353 -11.78 14.28 26.04
CA VAL B 353 -11.29 13.00 26.55
C VAL B 353 -12.16 12.46 27.67
N SER B 354 -13.37 13.04 27.79
CA SER B 354 -14.36 12.48 28.68
C SER B 354 -15.72 12.77 28.14
N LEU B 355 -16.68 11.96 28.60
CA LEU B 355 -18.09 12.17 28.32
C LEU B 355 -18.53 13.56 28.76
N LYS B 356 -18.02 13.98 29.91
CA LYS B 356 -18.31 15.30 30.48
C LYS B 356 -17.73 16.42 29.59
N ASP B 357 -16.53 16.25 29.07
CA ASP B 357 -15.98 17.19 28.12
C ASP B 357 -16.91 17.38 26.91
N ALA B 358 -17.66 16.34 26.54
CA ALA B 358 -18.55 16.38 25.38
C ALA B 358 -19.99 16.69 25.75
N GLY B 359 -20.26 16.92 27.03
CA GLY B 359 -21.62 17.27 27.49
C GLY B 359 -22.57 16.08 27.60
N ILE B 360 -22.02 14.87 27.69
CA ILE B 360 -22.83 13.68 27.85
C ILE B 360 -22.81 13.31 29.32
N PRO B 361 -23.97 13.33 29.99
CA PRO B 361 -24.02 13.07 31.41
C PRO B 361 -23.82 11.62 31.78
N GLU B 362 -23.27 11.42 32.97
CA GLU B 362 -22.99 10.10 33.50
C GLU B 362 -24.23 9.21 33.57
N GLU B 363 -25.36 9.78 33.94
CA GLU B 363 -26.60 9.00 34.12
C GLU B 363 -27.15 8.40 32.81
N ASP B 364 -26.62 8.85 31.66
CA ASP B 364 -26.95 8.22 30.36
C ASP B 364 -26.21 6.93 30.06
N ILE B 365 -25.20 6.60 30.84
CA ILE B 365 -24.34 5.46 30.47
C ILE B 365 -25.15 4.21 30.14
N ASP B 366 -26.14 3.88 30.97
CA ASP B 366 -26.85 2.65 30.79
C ASP B 366 -27.60 2.65 29.47
N LYS B 367 -28.14 3.81 29.07
CA LYS B 367 -28.80 3.96 27.76
C LYS B 367 -27.83 3.73 26.57
N ILE B 368 -26.61 4.23 26.73
CA ILE B 368 -25.58 4.08 25.69
C ILE B 368 -25.23 2.59 25.58
N VAL B 369 -25.09 1.94 26.75
CA VAL B 369 -24.75 0.49 26.78
C VAL B 369 -25.82 -0.36 26.09
N ASP B 370 -27.09 -0.02 26.34
CA ASP B 370 -28.18 -0.69 25.64
C ASP B 370 -28.02 -0.56 24.12
N ASN B 371 -27.70 0.65 23.64
CA ASN B 371 -27.46 0.84 22.21
C ASN B 371 -26.26 0.05 21.66
N VAL B 372 -25.20 -0.04 22.46
CA VAL B 372 -24.04 -0.83 22.07
C VAL B 372 -24.43 -2.30 21.92
N MET B 373 -25.18 -2.81 22.90
CA MET B 373 -25.61 -4.21 22.87
C MET B 373 -26.55 -4.57 21.74
N LEU B 374 -27.38 -3.62 21.35
CA LEU B 374 -28.25 -3.80 20.19
C LEU B 374 -27.38 -3.92 18.93
N LEU B 375 -26.37 -3.04 18.83
CA LEU B 375 -25.45 -3.05 17.68
C LEU B 375 -24.78 -4.44 17.57
N VAL B 376 -24.42 -5.01 18.71
CA VAL B 376 -23.76 -6.33 18.74
C VAL B 376 -24.72 -7.41 18.18
N GLU B 377 -25.95 -7.41 18.68
CA GLU B 377 -27.02 -8.33 18.26
C GLU B 377 -27.40 -8.17 16.79
N LYS B 378 -27.55 -6.93 16.33
CA LYS B 378 -28.17 -6.69 15.04
C LYS B 378 -27.15 -6.52 13.91
N ASN B 379 -25.98 -5.96 14.22
CA ASN B 379 -25.00 -5.67 13.18
C ASN B 379 -23.84 -6.67 13.16
N LEU B 380 -23.35 -7.05 14.35
CA LEU B 380 -22.17 -7.92 14.44
C LEU B 380 -22.54 -9.41 14.40
N LYS B 381 -23.48 -9.83 15.23
CA LYS B 381 -23.75 -11.27 15.32
C LYS B 381 -24.08 -11.90 13.95
N PRO B 382 -24.94 -11.26 13.15
CA PRO B 382 -25.25 -11.78 11.81
C PRO B 382 -24.05 -12.08 10.90
N LYS B 383 -22.91 -11.40 11.08
CA LYS B 383 -21.71 -11.65 10.27
C LYS B 383 -20.62 -12.41 11.06
N GLY B 384 -20.98 -12.94 12.22
CA GLY B 384 -20.04 -13.68 13.07
C GLY B 384 -18.96 -12.83 13.73
N ALA B 385 -19.18 -11.51 13.79
CA ALA B 385 -18.30 -10.57 14.49
C ALA B 385 -18.64 -10.47 15.99
N SER B 386 -17.68 -10.01 16.79
CA SER B 386 -17.88 -9.81 18.22
C SER B 386 -17.26 -8.50 18.62
N LEU B 387 -17.62 -8.00 19.81
CA LEU B 387 -17.15 -6.70 20.27
C LEU B 387 -15.79 -6.87 20.90
N GLY B 388 -14.74 -6.55 20.18
CA GLY B 388 -13.37 -6.67 20.77
C GLY B 388 -12.76 -8.02 20.43
N ARG B 389 -11.48 -8.18 20.74
CA ARG B 389 -10.73 -9.32 20.20
C ARG B 389 -9.73 -9.76 21.21
N ILE B 390 -8.87 -8.86 21.64
CA ILE B 390 -7.98 -9.17 22.76
C ILE B 390 -8.75 -9.35 24.07
N MET B 391 -9.93 -8.76 24.16
CA MET B 391 -10.87 -8.98 25.23
C MET B 391 -12.26 -8.74 24.65
N VAL B 392 -13.13 -9.74 24.66
CA VAL B 392 -14.45 -9.54 24.05
C VAL B 392 -15.23 -8.85 25.15
N LEU B 393 -16.02 -7.89 24.78
CA LEU B 393 -16.55 -7.00 25.80
C LEU B 393 -18.01 -7.34 25.96
N GLU B 394 -18.39 -7.63 27.18
CA GLU B 394 -19.78 -7.89 27.47
C GLU B 394 -20.37 -6.57 27.93
N ARG B 395 -21.69 -6.58 28.15
CA ARG B 395 -22.39 -5.38 28.63
C ARG B 395 -21.64 -4.73 29.78
N GLU B 396 -21.24 -5.53 30.75
CA GLU B 396 -20.58 -4.98 31.94
C GLU B 396 -19.24 -4.34 31.63
N ASP B 397 -18.50 -4.91 30.66
CA ASP B 397 -17.21 -4.31 30.24
C ASP B 397 -17.42 -2.93 29.56
N VAL B 398 -18.41 -2.87 28.68
CA VAL B 398 -18.77 -1.59 28.07
C VAL B 398 -19.16 -0.56 29.11
N ARG B 399 -19.96 -0.95 30.11
CA ARG B 399 -20.28 0.00 31.18
C ARG B 399 -19.02 0.51 31.93
N GLU B 400 -18.06 -0.38 32.20
CA GLU B 400 -16.88 0.02 32.99
C GLU B 400 -16.01 0.98 32.21
N ILE B 401 -15.89 0.74 30.91
CA ILE B 401 -15.09 1.61 30.05
C ILE B 401 -15.74 3.00 30.00
N LEU B 402 -17.05 3.05 29.84
CA LEU B 402 -17.74 4.34 29.83
C LEU B 402 -17.63 5.04 31.17
N LYS B 403 -17.62 4.27 32.25
CA LYS B 403 -17.42 4.86 33.60
C LYS B 403 -16.01 5.40 33.72
N LEU B 404 -15.03 4.72 33.14
CA LEU B 404 -13.64 5.26 33.10
C LEU B 404 -13.58 6.60 32.35
N ALA B 405 -14.36 6.71 31.29
CA ALA B 405 -14.34 7.86 30.39
C ALA B 405 -15.34 8.94 30.79
N ALA B 406 -16.03 8.77 31.93
CA ALA B 406 -17.19 9.64 32.22
C ALA B 406 -16.79 11.05 32.62
N LYS B 407 -15.72 11.13 33.41
CA LYS B 407 -15.27 12.39 33.99
C LYS B 407 -13.77 12.35 34.02
FE FE C . 16.12 -4.16 -8.70
PA NAP D . 15.93 -15.14 -9.86
O1A NAP D . 16.91 -14.70 -10.91
O2A NAP D . 14.56 -15.34 -10.33
O5B NAP D . 16.51 -16.44 -9.09
C5B NAP D . 17.86 -16.51 -8.63
C4B NAP D . 18.16 -17.95 -8.20
O4B NAP D . 17.29 -18.38 -7.13
C3B NAP D . 17.94 -18.96 -9.31
O3B NAP D . 19.17 -19.65 -9.50
C2B NAP D . 16.78 -19.88 -8.87
O2B NAP D . 16.97 -21.25 -9.20
C1B NAP D . 16.84 -19.72 -7.37
N9A NAP D . 15.60 -19.91 -6.59
C8A NAP D . 14.44 -19.17 -6.68
N7A NAP D . 13.60 -19.61 -5.69
C5A NAP D . 14.23 -20.59 -4.97
C6A NAP D . 13.84 -21.37 -3.87
N6A NAP D . 12.79 -20.98 -3.12
N1A NAP D . 14.75 -22.30 -3.36
C2A NAP D . 16.00 -22.46 -3.91
N3A NAP D . 16.38 -21.68 -4.99
C4A NAP D . 15.51 -20.78 -5.52
O3 NAP D . 16.00 -14.07 -8.63
PN NAP D . 15.20 -12.66 -8.52
O1N NAP D . 13.86 -12.89 -7.97
O2N NAP D . 16.15 -11.82 -7.67
O5D NAP D . 15.18 -12.08 -10.04
C5D NAP D . 16.22 -11.34 -10.62
C4D NAP D . 15.68 -10.73 -11.91
O4D NAP D . 14.69 -9.74 -11.62
C3D NAP D . 16.78 -10.00 -12.68
O3D NAP D . 16.63 -10.27 -14.05
C2D NAP D . 16.50 -8.52 -12.43
O2D NAP D . 16.98 -7.67 -13.45
C1D NAP D . 14.97 -8.53 -12.35
N1N NAP D . 14.38 -7.27 -11.80
C2N NAP D . 13.06 -7.06 -12.06
C3N NAP D . 12.42 -5.91 -11.61
C7N NAP D . 10.92 -5.91 -11.63
O7N NAP D . 10.20 -5.25 -10.60
N7N NAP D . 10.33 -6.61 -12.60
C4N NAP D . 13.12 -4.94 -10.86
C5N NAP D . 14.46 -5.11 -10.59
C6N NAP D . 15.08 -6.29 -11.08
P2B NAP D . 15.98 -22.05 -10.21
O1X NAP D . 16.06 -21.32 -11.54
O2X NAP D . 16.43 -23.51 -10.31
O3X NAP D . 14.53 -21.95 -9.78
FE FE E . -13.25 5.68 12.17
PA NAP F . -17.87 14.44 7.29
O1A NAP F . -18.97 14.05 8.25
O2A NAP F . -18.15 14.02 5.90
O5B NAP F . -17.85 16.07 7.31
C5B NAP F . -17.80 16.74 8.54
C4B NAP F . -17.95 18.25 8.32
O4B NAP F . -16.87 18.77 7.55
C3B NAP F . -19.24 18.62 7.57
O3B NAP F . -20.01 19.55 8.32
C2B NAP F . -18.78 19.19 6.25
O2B NAP F . -19.65 20.23 5.80
C1B NAP F . -17.37 19.69 6.57
N9A NAP F . -16.44 19.74 5.42
C8A NAP F . -16.10 18.71 4.56
N7A NAP F . -15.17 19.17 3.69
C5A NAP F . -14.91 20.49 3.98
C6A NAP F . -14.03 21.42 3.41
N6A NAP F . -12.97 21.01 2.68
N1A NAP F . -14.01 22.69 3.98
C2A NAP F . -14.81 23.04 5.07
N3A NAP F . -15.66 22.10 5.62
C4A NAP F . -15.70 20.84 5.08
O3 NAP F . -16.36 14.08 7.86
PN NAP F . -15.60 12.63 7.83
O1N NAP F . -14.85 12.55 6.57
O2N NAP F . -14.89 12.58 9.15
O5D NAP F . -16.79 11.49 7.87
C5D NAP F . -17.31 10.94 9.07
C4D NAP F . -18.25 9.80 8.75
O4D NAP F . -17.46 8.73 8.25
C3D NAP F . -18.95 9.27 10.02
O3D NAP F . -20.29 8.92 9.76
C2D NAP F . -18.16 8.03 10.38
O2D NAP F . -18.91 7.07 11.09
C1D NAP F . -17.75 7.53 9.00
N1N NAP F . -16.68 6.50 8.97
C2N NAP F . -16.55 5.77 7.81
C3N NAP F . -15.56 4.76 7.74
C7N NAP F . -15.26 4.18 6.39
O7N NAP F . -13.96 3.69 6.16
N7N NAP F . -16.23 4.15 5.48
C4N NAP F . -14.71 4.50 8.82
C5N NAP F . -14.83 5.25 9.99
C6N NAP F . -15.83 6.25 10.04
P2B NAP F . -20.41 20.23 4.35
O1X NAP F . -21.52 19.21 4.41
O2X NAP F . -20.91 21.68 4.15
O3X NAP F . -19.42 19.73 3.28
#